data_3LJZ
#
_entry.id   3LJZ
#
_cell.length_a   73.604
_cell.length_b   94.927
_cell.length_c   120.406
_cell.angle_alpha   90.00
_cell.angle_beta   90.00
_cell.angle_gamma   90.00
#
_symmetry.space_group_name_H-M   'P 21 21 21'
#
loop_
_entity.id
_entity.type
_entity.pdbx_description
1 polymer 'Collagenase 3'
2 non-polymer 'CALCIUM ION'
3 non-polymer 'ZINC ION'
4 non-polymer 'SULFATE ION'
5 non-polymer (2R)-2-[4-(1,3-benzodioxol-5-yl)benzyl]-N~4~-hydroxy-N~1~-[(1S,2R)-2-hydroxy-2,3-dihydro-1H-inden-1-yl]butanediamide
6 non-polymer '4-(2-HYDROXYETHYL)-1-PIPERAZINE ETHANESULFONIC ACID'
7 water water
#
_entity_poly.entity_id   1
_entity_poly.type   'polypeptide(L)'
_entity_poly.pdbx_seq_one_letter_code
;ANVFPRTLKWSKMNLTYRIVNYTPDMTHSEVEKAFKKAFKVWSDVTPLNFTRLHDGIADIMISFGIKEHGDFYPFDGPSG
LLAHAFPPGPNYGGDAHFDDDETWTSSSKGYNLFLVAAHEFGHSLGLDHSKDPGALMFPIYTYTGKSHFMLPDDDVQGIQ
SLYG
;
_entity_poly.pdbx_strand_id   A,B,C,D
#
# COMPACT_ATOMS: atom_id res chain seq x y z
N ALA A 1 -10.55 -16.28 33.81
CA ALA A 1 -11.41 -15.07 33.82
C ALA A 1 -10.56 -13.82 33.99
N ASN A 2 -11.08 -12.69 33.53
CA ASN A 2 -10.37 -11.41 33.64
C ASN A 2 -11.32 -10.27 34.00
N VAL A 3 -10.83 -9.35 34.82
CA VAL A 3 -11.58 -8.17 35.24
C VAL A 3 -10.90 -6.92 34.65
N PHE A 4 -11.69 -5.90 34.30
CA PHE A 4 -11.11 -4.62 33.84
C PHE A 4 -10.39 -3.94 35.01
N PRO A 5 -9.24 -3.30 34.75
CA PRO A 5 -8.57 -2.61 35.86
C PRO A 5 -9.31 -1.34 36.27
N ARG A 6 -9.16 -0.92 37.52
CA ARG A 6 -9.87 0.26 38.04
C ARG A 6 -9.38 1.56 37.41
N THR A 7 -8.16 1.97 37.73
CA THR A 7 -7.56 3.21 37.22
C THR A 7 -7.23 3.07 35.74
N LEU A 8 -7.55 4.08 34.94
CA LEU A 8 -7.23 4.09 33.50
C LEU A 8 -5.74 4.31 33.30
N LYS A 9 -5.04 3.27 32.89
CA LYS A 9 -3.62 3.36 32.64
C LYS A 9 -3.23 2.30 31.62
N TRP A 10 -2.10 2.49 30.96
CA TRP A 10 -1.55 1.47 30.08
C TRP A 10 -0.96 0.34 30.89
N SER A 11 -1.30 -0.91 30.55
CA SER A 11 -0.78 -2.07 31.28
C SER A 11 0.62 -2.47 30.82
N LYS A 12 1.09 -1.86 29.74
CA LYS A 12 2.42 -2.14 29.23
C LYS A 12 3.24 -0.86 29.24
N MET A 13 4.56 -0.98 29.37
CA MET A 13 5.45 0.17 29.49
C MET A 13 5.99 0.64 28.13
N ASN A 14 6.01 -0.23 27.14
CA ASN A 14 6.52 0.11 25.81
C ASN A 14 5.40 0.46 24.85
N LEU A 15 5.19 1.75 24.66
CA LEU A 15 4.05 2.26 23.91
C LEU A 15 4.49 2.77 22.55
N THR A 16 3.59 2.74 21.58
CA THR A 16 3.87 3.24 20.23
C THR A 16 3.02 4.47 19.91
N TYR A 17 3.55 5.33 19.05
CA TYR A 17 2.78 6.45 18.53
C TYR A 17 3.01 6.59 17.06
N ARG A 18 2.06 7.25 16.40
CA ARG A 18 2.15 7.54 14.97
C ARG A 18 1.68 8.97 14.71
N ILE A 19 2.49 9.73 13.99
CA ILE A 19 2.09 11.06 13.49
C ILE A 19 1.37 10.82 12.16
N VAL A 20 0.05 10.87 12.20
CA VAL A 20 -0.75 10.52 11.05
C VAL A 20 -0.67 11.56 9.93
N ASN A 21 -0.77 12.84 10.29
CA ASN A 21 -0.60 13.91 9.32
C ASN A 21 0.10 15.09 9.98
N TYR A 22 0.36 16.15 9.23
CA TYR A 22 1.22 17.25 9.69
C TYR A 22 0.60 18.62 9.45
N THR A 23 0.75 19.52 10.43
CA THR A 23 0.37 20.92 10.24
C THR A 23 1.27 21.61 9.22
N PRO A 24 0.70 22.58 8.47
CA PRO A 24 1.49 23.38 7.54
C PRO A 24 2.47 24.36 8.20
N ASP A 25 2.30 24.65 9.50
CA ASP A 25 2.97 25.82 10.11
C ASP A 25 4.43 25.56 10.45
N MET A 26 4.80 24.28 10.52
CA MET A 26 6.15 23.86 10.90
C MET A 26 6.60 22.77 9.92
N THR A 27 7.92 22.59 9.76
CA THR A 27 8.45 21.51 8.92
C THR A 27 8.20 20.15 9.58
N HIS A 28 8.20 19.08 8.79
CA HIS A 28 8.06 17.69 9.30
C HIS A 28 9.02 17.47 10.47
N SER A 29 10.27 17.83 10.25
CA SER A 29 11.31 17.66 11.23
C SER A 29 10.94 18.35 12.57
N GLU A 30 10.48 19.61 12.49
CA GLU A 30 10.11 20.36 13.68
C GLU A 30 8.92 19.72 14.41
N VAL A 31 7.95 19.23 13.65
CA VAL A 31 6.81 18.54 14.26
C VAL A 31 7.26 17.26 14.97
N GLU A 32 8.11 16.49 14.30
CA GLU A 32 8.66 15.27 14.88
C GLU A 32 9.46 15.55 16.16
N LYS A 33 10.29 16.60 16.13
CA LYS A 33 11.06 17.03 17.30
C LYS A 33 10.14 17.43 18.45
N ALA A 34 9.12 18.23 18.17
CA ALA A 34 8.22 18.68 19.22
C ALA A 34 7.54 17.50 19.93
N PHE A 35 6.99 16.57 19.18
CA PHE A 35 6.29 15.44 19.78
C PHE A 35 7.25 14.50 20.55
N LYS A 36 8.45 14.32 20.00
CA LYS A 36 9.47 13.49 20.63
C LYS A 36 9.93 14.08 21.97
N LYS A 37 10.17 15.39 21.98
CA LYS A 37 10.51 16.08 23.22
C LYS A 37 9.38 15.99 24.26
N ALA A 38 8.13 16.03 23.79
CA ALA A 38 6.96 15.95 24.64
C ALA A 38 6.75 14.57 25.30
N PHE A 39 7.06 13.50 24.58
CA PHE A 39 7.05 12.15 25.15
C PHE A 39 8.18 12.01 26.17
N LYS A 40 9.33 12.59 25.86
CA LYS A 40 10.47 12.54 26.77
C LYS A 40 10.19 13.17 28.16
N VAL A 41 9.32 14.19 28.20
CA VAL A 41 8.89 14.77 29.45
C VAL A 41 8.37 13.69 30.40
N TRP A 42 7.57 12.78 29.86
CA TRP A 42 6.96 11.72 30.65
C TRP A 42 7.88 10.51 30.80
N SER A 43 8.62 10.15 29.76
CA SER A 43 9.52 9.00 29.87
C SER A 43 10.69 9.24 30.82
N ASP A 44 11.06 10.52 31.04
CA ASP A 44 12.15 10.87 31.96
C ASP A 44 11.75 10.75 33.44
N VAL A 45 10.46 10.60 33.72
CA VAL A 45 9.98 10.49 35.10
C VAL A 45 9.18 9.19 35.38
N THR A 46 9.15 8.29 34.41
CA THR A 46 8.46 7.01 34.53
C THR A 46 9.31 5.91 33.86
N PRO A 47 8.91 4.64 34.01
CA PRO A 47 9.49 3.58 33.19
C PRO A 47 8.95 3.49 31.74
N LEU A 48 8.09 4.42 31.35
CA LEU A 48 7.47 4.38 30.02
C LEU A 48 8.48 4.64 28.89
N ASN A 49 8.34 3.90 27.80
CA ASN A 49 9.12 4.12 26.56
C ASN A 49 8.16 4.32 25.38
N PHE A 50 8.54 5.19 24.45
CA PHE A 50 7.69 5.53 23.33
C PHE A 50 8.43 5.29 22.01
N THR A 51 7.83 4.51 21.12
CA THR A 51 8.41 4.19 19.82
C THR A 51 7.51 4.71 18.72
N ARG A 52 8.10 5.34 17.71
CA ARG A 52 7.33 5.89 16.61
C ARG A 52 7.13 4.87 15.50
N LEU A 53 5.88 4.73 15.06
CA LEU A 53 5.57 3.94 13.89
C LEU A 53 5.24 4.88 12.74
N HIS A 54 5.61 4.49 11.52
CA HIS A 54 5.36 5.29 10.34
C HIS A 54 4.05 5.00 9.64
N ASP A 55 3.48 3.83 9.92
CA ASP A 55 2.07 3.57 9.64
C ASP A 55 1.53 2.44 10.50
N GLY A 56 0.28 2.06 10.27
CA GLY A 56 -0.40 1.07 11.08
C GLY A 56 -1.01 1.67 12.33
N ILE A 57 -1.41 0.79 13.22
CA ILE A 57 -2.15 1.19 14.40
C ILE A 57 -1.16 1.31 15.54
N ALA A 58 -1.09 2.50 16.11
CA ALA A 58 -0.24 2.78 17.24
C ALA A 58 -1.12 2.98 18.48
N ASP A 59 -0.51 2.85 19.66
CA ASP A 59 -1.20 3.13 20.92
C ASP A 59 -1.72 4.54 20.95
N ILE A 60 -0.87 5.48 20.54
CA ILE A 60 -1.19 6.89 20.54
C ILE A 60 -1.17 7.42 19.10
N MET A 61 -2.34 7.62 18.51
CA MET A 61 -2.45 8.13 17.15
C MET A 61 -2.59 9.63 17.21
N ILE A 62 -1.69 10.33 16.52
CA ILE A 62 -1.62 11.79 16.60
C ILE A 62 -2.04 12.38 15.26
N SER A 63 -3.02 13.29 15.27
CA SER A 63 -3.46 13.93 14.06
C SER A 63 -3.88 15.38 14.27
N PHE A 64 -3.80 16.13 13.18
CA PHE A 64 -4.30 17.50 13.11
C PHE A 64 -5.61 17.48 12.36
N GLY A 65 -6.54 18.31 12.80
CA GLY A 65 -7.80 18.46 12.08
C GLY A 65 -8.45 19.78 12.39
N ILE A 66 -9.55 20.07 11.71
CA ILE A 66 -10.31 21.27 11.97
C ILE A 66 -11.79 20.93 12.10
N LYS A 67 -12.52 21.79 12.82
CA LYS A 67 -13.95 21.61 13.05
C LYS A 67 -14.25 20.13 13.39
N GLU A 68 -15.20 19.51 12.70
CA GLU A 68 -15.54 18.12 12.92
C GLU A 68 -14.44 17.29 12.35
N HIS A 69 -13.85 16.41 13.14
CA HIS A 69 -12.74 15.59 12.64
C HIS A 69 -12.83 14.10 13.03
N GLY A 70 -14.02 13.64 13.42
CA GLY A 70 -14.28 12.20 13.62
C GLY A 70 -14.48 11.77 15.05
N ASP A 71 -14.90 12.71 15.90
CA ASP A 71 -15.27 12.39 17.27
C ASP A 71 -16.32 13.40 17.77
N PHE A 72 -16.62 13.36 19.07
CA PHE A 72 -17.63 14.23 19.67
C PHE A 72 -17.04 15.51 20.24
N TYR A 73 -15.79 15.81 19.89
CA TYR A 73 -15.11 17.00 20.40
C TYR A 73 -14.64 17.87 19.23
N PRO A 74 -15.58 18.40 18.44
CA PRO A 74 -15.19 19.18 17.28
C PRO A 74 -14.43 20.44 17.66
N PHE A 75 -13.46 20.85 16.83
CA PHE A 75 -12.71 22.07 17.07
C PHE A 75 -13.53 23.32 16.71
N ASP A 76 -12.96 24.50 16.97
CA ASP A 76 -13.72 25.75 17.02
C ASP A 76 -13.05 26.92 16.28
N GLY A 77 -12.16 26.64 15.34
CA GLY A 77 -11.47 27.71 14.61
C GLY A 77 -10.26 28.21 15.38
N PRO A 78 -9.71 29.38 15.00
CA PRO A 78 -8.52 29.90 15.68
C PRO A 78 -8.78 30.24 17.15
N SER A 79 -7.82 29.88 18.02
CA SER A 79 -7.94 30.04 19.47
C SER A 79 -9.13 29.23 20.02
N GLY A 80 -9.54 29.49 21.28
CA GLY A 80 -10.43 28.55 21.98
C GLY A 80 -9.66 27.25 22.25
N LEU A 81 -10.30 26.11 22.02
CA LEU A 81 -9.69 24.79 22.26
C LEU A 81 -8.51 24.58 21.32
N LEU A 82 -7.37 24.19 21.86
CA LEU A 82 -6.17 23.98 21.07
C LEU A 82 -6.02 22.53 20.63
N ALA A 83 -6.48 21.61 21.47
CA ALA A 83 -6.20 20.19 21.30
C ALA A 83 -7.00 19.39 22.32
N HIS A 84 -7.12 18.09 22.11
CA HIS A 84 -7.63 17.21 23.17
C HIS A 84 -7.07 15.81 22.97
N ALA A 85 -7.17 15.00 24.00
CA ALA A 85 -6.64 13.63 23.95
C ALA A 85 -7.55 12.72 24.73
N PHE A 86 -7.56 11.45 24.34
CA PHE A 86 -8.35 10.43 24.97
C PHE A 86 -7.52 9.64 25.97
N PRO A 87 -8.15 9.25 27.10
CA PRO A 87 -7.42 8.50 28.11
C PRO A 87 -7.11 7.09 27.64
N PRO A 88 -6.17 6.41 28.33
CA PRO A 88 -5.73 5.09 27.89
C PRO A 88 -6.89 4.13 27.67
N GLY A 89 -6.70 3.24 26.70
CA GLY A 89 -7.68 2.21 26.44
C GLY A 89 -7.51 1.70 25.02
N PRO A 90 -8.40 0.80 24.61
CA PRO A 90 -8.35 0.30 23.26
C PRO A 90 -9.00 1.30 22.30
N ASN A 91 -8.94 0.98 21.02
CA ASN A 91 -9.62 1.75 19.99
C ASN A 91 -9.08 3.19 19.92
N TYR A 92 -9.86 4.21 20.31
CA TYR A 92 -9.41 5.60 20.24
C TYR A 92 -8.56 6.04 21.43
N GLY A 93 -8.47 5.18 22.45
CA GLY A 93 -7.76 5.48 23.68
C GLY A 93 -6.32 5.87 23.41
N GLY A 94 -5.89 6.96 24.05
CA GLY A 94 -4.53 7.48 23.91
C GLY A 94 -4.36 8.52 22.81
N ASP A 95 -5.31 8.59 21.87
CA ASP A 95 -5.16 9.45 20.69
C ASP A 95 -5.18 10.92 21.06
N ALA A 96 -4.41 11.71 20.33
CA ALA A 96 -4.26 13.14 20.61
C ALA A 96 -4.54 13.89 19.32
N HIS A 97 -5.48 14.83 19.39
CA HIS A 97 -5.91 15.63 18.25
C HIS A 97 -5.54 17.10 18.48
N PHE A 98 -5.00 17.74 17.45
CA PHE A 98 -4.58 19.13 17.55
C PHE A 98 -5.32 19.95 16.50
N ASP A 99 -5.79 21.12 16.89
CA ASP A 99 -6.57 21.98 16.02
C ASP A 99 -5.70 22.68 14.99
N ASP A 100 -5.90 22.38 13.70
CA ASP A 100 -5.05 23.00 12.67
C ASP A 100 -5.54 24.39 12.23
N ASP A 101 -6.50 24.96 12.94
CA ASP A 101 -6.80 26.38 12.79
C ASP A 101 -5.92 27.24 13.72
N GLU A 102 -5.12 26.61 14.56
CA GLU A 102 -4.16 27.35 15.38
C GLU A 102 -2.89 27.57 14.58
N THR A 103 -2.13 28.58 14.96
CA THR A 103 -0.78 28.73 14.43
C THR A 103 0.20 28.02 15.37
N TRP A 104 0.70 26.88 14.93
CA TRP A 104 1.64 26.08 15.71
C TRP A 104 3.06 26.55 15.44
N THR A 105 3.87 26.67 16.49
CA THR A 105 5.27 27.07 16.39
C THR A 105 6.18 26.26 17.31
N SER A 106 7.47 26.42 17.08
CA SER A 106 8.54 26.05 18.03
C SER A 106 9.00 27.24 18.86
N SER A 107 8.24 28.33 18.89
CA SER A 107 8.66 29.58 19.51
C SER A 107 7.63 30.08 20.53
N SER A 108 7.74 31.34 20.92
CA SER A 108 6.76 31.98 21.80
C SER A 108 5.54 32.51 21.03
N LYS A 109 5.62 32.53 19.70
CA LYS A 109 4.51 32.97 18.87
C LYS A 109 3.47 31.87 18.75
N GLY A 110 2.24 32.26 18.39
CA GLY A 110 1.14 31.32 18.25
C GLY A 110 1.09 30.39 19.45
N TYR A 111 0.86 29.11 19.21
CA TYR A 111 0.80 28.16 20.28
C TYR A 111 1.93 27.17 20.12
N ASN A 112 2.70 26.98 21.19
CA ASN A 112 3.87 26.11 21.14
C ASN A 112 3.44 24.65 21.13
N LEU A 113 3.78 23.93 20.07
CA LEU A 113 3.29 22.58 19.85
C LEU A 113 3.80 21.60 20.89
N PHE A 114 5.08 21.69 21.21
CA PHE A 114 5.69 20.87 22.25
C PHE A 114 4.98 20.99 23.59
N LEU A 115 4.72 22.22 24.02
CA LEU A 115 4.04 22.47 25.29
C LEU A 115 2.63 21.89 25.31
N VAL A 116 1.86 22.13 24.24
CA VAL A 116 0.48 21.62 24.14
C VAL A 116 0.49 20.11 24.05
N ALA A 117 1.42 19.54 23.28
CA ALA A 117 1.55 18.08 23.20
C ALA A 117 1.90 17.45 24.55
N ALA A 118 2.79 18.09 25.30
CA ALA A 118 3.20 17.56 26.61
C ALA A 118 2.01 17.45 27.53
N HIS A 119 1.16 18.49 27.54
CA HIS A 119 -0.09 18.49 28.27
C HIS A 119 -1.00 17.38 27.79
N GLU A 120 -1.21 17.29 26.48
CA GLU A 120 -2.16 16.33 25.93
C GLU A 120 -1.75 14.89 26.17
N PHE A 121 -0.44 14.62 26.06
CA PHE A 121 0.08 13.28 26.27
C PHE A 121 -0.05 12.88 27.75
N GLY A 122 -0.09 13.84 28.66
CA GLY A 122 -0.48 13.54 30.04
C GLY A 122 -1.85 12.86 30.06
N HIS A 123 -2.79 13.37 29.25
CA HIS A 123 -4.12 12.78 29.15
C HIS A 123 -4.05 11.39 28.53
N SER A 124 -3.27 11.26 27.48
CA SER A 124 -3.05 9.97 26.81
C SER A 124 -2.52 8.87 27.74
N LEU A 125 -1.86 9.27 28.83
CA LEU A 125 -1.27 8.34 29.79
C LEU A 125 -2.15 8.12 31.01
N GLY A 126 -3.19 8.92 31.18
CA GLY A 126 -4.15 8.73 32.27
C GLY A 126 -4.30 9.84 33.29
N LEU A 127 -3.67 11.00 33.05
CA LEU A 127 -3.80 12.14 33.95
C LEU A 127 -5.01 13.00 33.58
N ASP A 128 -5.80 13.38 34.57
CA ASP A 128 -6.87 14.35 34.36
C ASP A 128 -6.26 15.74 34.58
N HIS A 129 -7.08 16.79 34.51
CA HIS A 129 -6.61 18.14 34.81
C HIS A 129 -6.28 18.33 36.30
N SER A 130 -5.27 19.15 36.57
CA SER A 130 -4.88 19.50 37.94
C SER A 130 -5.58 20.80 38.36
N LYS A 131 -5.79 20.95 39.67
CA LYS A 131 -6.25 22.20 40.28
C LYS A 131 -5.08 23.14 40.61
N ASP A 132 -3.87 22.64 40.47
CA ASP A 132 -2.67 23.40 40.80
C ASP A 132 -2.33 24.35 39.65
N PRO A 133 -2.45 25.68 39.89
CA PRO A 133 -2.22 26.62 38.77
C PRO A 133 -0.84 26.52 38.13
N GLY A 134 0.15 25.97 38.84
CA GLY A 134 1.50 25.80 38.32
C GLY A 134 1.76 24.52 37.51
N ALA A 135 0.78 23.63 37.45
CA ALA A 135 0.95 22.31 36.84
C ALA A 135 0.83 22.30 35.30
N LEU A 136 1.60 21.41 34.66
CA LEU A 136 1.47 21.16 33.23
C LEU A 136 0.03 20.75 32.89
N MET A 137 -0.61 20.03 33.80
CA MET A 137 -1.97 19.55 33.58
C MET A 137 -3.07 20.53 34.03
N PHE A 138 -2.72 21.77 34.34
CA PHE A 138 -3.73 22.82 34.58
C PHE A 138 -4.47 23.06 33.26
N PRO A 139 -5.79 23.31 33.31
CA PRO A 139 -6.51 23.34 32.02
C PRO A 139 -6.34 24.59 31.13
N ILE A 140 -5.53 25.56 31.56
CA ILE A 140 -5.29 26.77 30.78
C ILE A 140 -3.86 26.83 30.26
N TYR A 141 -3.70 26.97 28.94
CA TYR A 141 -2.37 27.16 28.34
C TYR A 141 -1.68 28.42 28.84
N THR A 142 -0.41 28.30 29.19
CA THR A 142 0.46 29.46 29.43
C THR A 142 1.86 29.10 28.95
N TYR A 143 2.53 30.05 28.29
CA TYR A 143 3.83 29.78 27.70
C TYR A 143 4.98 29.97 28.68
N THR A 144 5.94 29.06 28.62
CA THR A 144 7.21 29.21 29.35
C THR A 144 8.41 28.91 28.46
N HIS A 148 13.64 25.98 28.47
CA HIS A 148 14.06 25.59 29.84
C HIS A 148 12.89 25.00 30.65
N PHE A 149 12.08 24.14 30.02
CA PHE A 149 10.89 23.59 30.67
C PHE A 149 11.25 22.50 31.68
N MET A 150 10.72 22.63 32.90
CA MET A 150 10.84 21.60 33.93
C MET A 150 9.46 21.14 34.41
N LEU A 151 9.21 19.82 34.36
CA LEU A 151 7.95 19.22 34.83
C LEU A 151 7.70 19.53 36.32
N PRO A 152 6.60 20.23 36.63
CA PRO A 152 6.32 20.55 38.03
C PRO A 152 5.97 19.35 38.91
N ASP A 153 6.20 19.51 40.21
CA ASP A 153 6.01 18.44 41.21
C ASP A 153 4.64 17.78 41.15
N ASP A 154 3.60 18.58 40.94
CA ASP A 154 2.24 18.03 40.92
C ASP A 154 2.08 16.99 39.80
N ASP A 155 2.67 17.27 38.64
CA ASP A 155 2.57 16.34 37.52
C ASP A 155 3.43 15.09 37.73
N VAL A 156 4.60 15.27 38.33
CA VAL A 156 5.49 14.14 38.66
C VAL A 156 4.80 13.17 39.64
N GLN A 157 4.18 13.73 40.67
CA GLN A 157 3.41 12.95 41.63
C GLN A 157 2.26 12.21 40.95
N GLY A 158 1.50 12.94 40.14
CA GLY A 158 0.36 12.37 39.43
C GLY A 158 0.76 11.20 38.56
N ILE A 159 1.77 11.39 37.71
CA ILE A 159 2.14 10.35 36.75
C ILE A 159 2.81 9.18 37.46
N GLN A 160 3.54 9.44 38.55
CA GLN A 160 4.20 8.35 39.30
C GLN A 160 3.23 7.55 40.16
N SER A 161 2.10 8.13 40.54
CA SER A 161 1.03 7.36 41.19
C SER A 161 0.41 6.35 40.21
N LEU A 162 0.48 6.64 38.91
CA LEU A 162 0.04 5.71 37.90
C LEU A 162 1.09 4.66 37.56
N TYR A 163 2.32 5.10 37.25
CA TYR A 163 3.35 4.23 36.68
C TYR A 163 4.58 3.99 37.56
N GLY A 164 4.60 4.53 38.76
CA GLY A 164 5.69 4.27 39.72
C GLY A 164 6.98 5.03 39.44
N ALA B 1 -0.78 -45.45 17.42
CA ALA B 1 -1.64 -44.24 17.36
C ALA B 1 -0.82 -42.96 17.49
N ASN B 2 -1.23 -41.92 16.77
CA ASN B 2 -0.61 -40.61 16.88
C ASN B 2 -1.65 -39.55 17.22
N VAL B 3 -1.17 -38.49 17.88
CA VAL B 3 -1.97 -37.34 18.24
C VAL B 3 -1.38 -36.13 17.53
N PHE B 4 -2.19 -35.14 17.20
CA PHE B 4 -1.66 -33.93 16.57
C PHE B 4 -0.82 -33.20 17.60
N PRO B 5 0.30 -32.61 17.16
CA PRO B 5 1.13 -31.90 18.13
C PRO B 5 0.39 -30.68 18.70
N ARG B 6 0.58 -30.41 19.98
CA ARG B 6 -0.03 -29.25 20.61
C ARG B 6 0.61 -27.94 20.11
N THR B 7 1.92 -27.80 20.29
CA THR B 7 2.65 -26.61 19.80
C THR B 7 2.94 -26.81 18.32
N LEU B 8 2.72 -25.77 17.51
CA LEU B 8 3.03 -25.85 16.10
C LEU B 8 4.51 -25.56 15.93
N LYS B 9 5.28 -26.61 15.64
CA LYS B 9 6.69 -26.43 15.37
C LYS B 9 7.21 -27.57 14.52
N TRP B 10 8.37 -27.37 13.89
CA TRP B 10 9.00 -28.45 13.14
C TRP B 10 9.63 -29.50 14.09
N SER B 11 9.36 -30.77 13.83
CA SER B 11 9.95 -31.86 14.62
C SER B 11 11.30 -32.31 14.05
N LYS B 12 11.66 -31.80 12.87
CA LYS B 12 12.96 -32.05 12.31
C LYS B 12 13.78 -30.75 12.33
N MET B 13 15.09 -30.88 12.54
CA MET B 13 15.99 -29.73 12.61
C MET B 13 16.54 -29.28 11.24
N ASN B 14 16.50 -30.15 10.24
CA ASN B 14 16.99 -29.83 8.91
C ASN B 14 15.82 -29.58 7.96
N LEU B 15 15.61 -28.32 7.61
CA LEU B 15 14.47 -27.92 6.80
C LEU B 15 14.95 -27.42 5.44
N THR B 16 14.10 -27.58 4.43
CA THR B 16 14.41 -27.15 3.07
C THR B 16 13.55 -25.96 2.69
N TYR B 17 14.08 -25.08 1.84
CA TYR B 17 13.26 -24.04 1.24
C TYR B 17 13.45 -23.98 -0.26
N ARG B 18 12.47 -23.42 -0.94
CA ARG B 18 12.52 -23.26 -2.40
C ARG B 18 12.00 -21.88 -2.77
N ILE B 19 12.78 -21.14 -3.55
CA ILE B 19 12.33 -19.88 -4.11
C ILE B 19 11.61 -20.23 -5.42
N VAL B 20 10.28 -20.17 -5.41
CA VAL B 20 9.49 -20.66 -6.52
C VAL B 20 9.57 -19.72 -7.73
N ASN B 21 9.53 -18.42 -7.43
CA ASN B 21 9.61 -17.37 -8.45
C ASN B 21 10.28 -16.15 -7.81
N TYR B 22 10.55 -15.13 -8.62
CA TYR B 22 11.38 -14.00 -8.20
C TYR B 22 10.74 -12.65 -8.53
N THR B 23 10.95 -11.68 -7.64
CA THR B 23 10.52 -10.32 -7.90
C THR B 23 11.38 -9.67 -8.99
N PRO B 24 10.81 -8.76 -9.81
CA PRO B 24 11.62 -7.99 -10.76
C PRO B 24 12.55 -6.96 -10.11
N ASP B 25 12.29 -6.61 -8.85
CA ASP B 25 12.92 -5.44 -8.23
C ASP B 25 14.39 -5.65 -7.91
N MET B 26 14.79 -6.92 -7.76
CA MET B 26 16.16 -7.28 -7.39
C MET B 26 16.67 -8.41 -8.30
N THR B 27 17.99 -8.55 -8.41
CA THR B 27 18.57 -9.66 -9.17
C THR B 27 18.26 -10.97 -8.43
N HIS B 28 18.37 -12.09 -9.14
CA HIS B 28 18.26 -13.44 -8.53
C HIS B 28 19.20 -13.55 -7.34
N SER B 29 20.46 -13.19 -7.53
CA SER B 29 21.45 -13.37 -6.50
C SER B 29 21.13 -12.48 -5.30
N GLU B 30 20.64 -11.26 -5.53
CA GLU B 30 20.22 -10.39 -4.43
C GLU B 30 19.08 -11.01 -3.63
N VAL B 31 18.13 -11.63 -4.32
CA VAL B 31 17.00 -12.24 -3.67
C VAL B 31 17.44 -13.46 -2.88
N GLU B 32 18.26 -14.30 -3.50
CA GLU B 32 18.84 -15.43 -2.83
C GLU B 32 19.62 -15.02 -1.56
N LYS B 33 20.44 -13.98 -1.67
CA LYS B 33 21.21 -13.46 -0.52
C LYS B 33 20.29 -13.02 0.61
N ALA B 34 19.23 -12.32 0.27
CA ALA B 34 18.31 -11.77 1.26
C ALA B 34 17.64 -12.89 2.05
N PHE B 35 17.19 -13.93 1.36
CA PHE B 35 16.50 -15.03 2.06
C PHE B 35 17.50 -15.86 2.89
N LYS B 36 18.68 -16.09 2.35
CA LYS B 36 19.72 -16.84 3.06
C LYS B 36 20.09 -16.13 4.37
N LYS B 37 20.24 -14.80 4.30
CA LYS B 37 20.55 -13.99 5.49
C LYS B 37 19.38 -14.04 6.50
N ALA B 38 18.13 -14.05 6.00
CA ALA B 38 16.93 -14.13 6.87
C ALA B 38 16.85 -15.45 7.63
N PHE B 39 17.19 -16.55 6.95
CA PHE B 39 17.27 -17.85 7.63
C PHE B 39 18.39 -17.90 8.66
N LYS B 40 19.50 -17.23 8.38
CA LYS B 40 20.64 -17.20 9.30
C LYS B 40 20.33 -16.48 10.62
N VAL B 41 19.44 -15.49 10.58
CA VAL B 41 18.92 -14.89 11.81
C VAL B 41 18.41 -16.00 12.75
N TRP B 42 17.68 -16.97 12.21
CA TRP B 42 17.06 -18.01 13.04
C TRP B 42 17.97 -19.22 13.35
N SER B 43 18.75 -19.66 12.39
CA SER B 43 19.72 -20.74 12.62
C SER B 43 20.83 -20.34 13.62
N ASP B 44 21.09 -19.03 13.75
CA ASP B 44 22.08 -18.55 14.73
C ASP B 44 21.60 -18.66 16.19
N VAL B 45 20.29 -18.83 16.39
CA VAL B 45 19.71 -18.85 17.73
C VAL B 45 18.91 -20.13 18.00
N THR B 46 19.02 -21.11 17.12
CA THR B 46 18.36 -22.42 17.27
C THR B 46 19.30 -23.54 16.77
N PRO B 47 18.89 -24.81 16.93
CA PRO B 47 19.62 -25.90 16.28
C PRO B 47 19.19 -26.16 14.82
N LEU B 48 18.39 -25.27 14.26
CA LEU B 48 17.83 -25.46 12.92
C LEU B 48 18.86 -25.19 11.84
N ASN B 49 18.80 -25.96 10.74
CA ASN B 49 19.57 -25.70 9.53
C ASN B 49 18.66 -25.61 8.32
N PHE B 50 19.05 -24.79 7.35
CA PHE B 50 18.22 -24.49 6.19
C PHE B 50 18.99 -24.73 4.91
N THR B 51 18.39 -25.50 4.01
CA THR B 51 18.98 -25.84 2.72
C THR B 51 18.01 -25.46 1.60
N ARG B 52 18.55 -24.90 0.51
CA ARG B 52 17.73 -24.40 -0.59
C ARG B 52 17.58 -25.48 -1.67
N LEU B 53 16.35 -25.79 -2.08
CA LEU B 53 16.11 -26.67 -3.23
C LEU B 53 15.80 -25.85 -4.48
N HIS B 54 16.26 -26.31 -5.63
CA HIS B 54 16.05 -25.56 -6.87
C HIS B 54 14.79 -25.98 -7.60
N ASP B 55 14.16 -27.06 -7.15
CA ASP B 55 12.81 -27.41 -7.61
C ASP B 55 12.15 -28.44 -6.67
N GLY B 56 10.91 -28.79 -6.98
CA GLY B 56 10.21 -29.81 -6.22
C GLY B 56 9.61 -29.27 -4.93
N ILE B 57 9.27 -30.19 -4.04
CA ILE B 57 8.59 -29.83 -2.79
C ILE B 57 9.62 -29.58 -1.69
N ALA B 58 9.55 -28.39 -1.11
CA ALA B 58 10.37 -28.03 0.05
C ALA B 58 9.47 -27.80 1.24
N ASP B 59 10.03 -27.88 2.44
CA ASP B 59 9.27 -27.57 3.66
C ASP B 59 8.74 -26.13 3.61
N ILE B 60 9.56 -25.21 3.12
CA ILE B 60 9.20 -23.81 3.07
C ILE B 60 9.23 -23.34 1.61
N MET B 61 8.04 -23.15 1.06
CA MET B 61 7.87 -22.71 -0.31
C MET B 61 7.68 -21.21 -0.32
N ILE B 62 8.59 -20.53 -1.01
CA ILE B 62 8.61 -19.08 -1.03
C ILE B 62 8.16 -18.60 -2.41
N SER B 63 7.20 -17.68 -2.44
CA SER B 63 6.72 -17.13 -3.69
C SER B 63 6.26 -15.69 -3.59
N PHE B 64 6.32 -15.01 -4.74
CA PHE B 64 5.83 -13.66 -4.88
C PHE B 64 4.52 -13.71 -5.66
N GLY B 65 3.59 -12.85 -5.30
CA GLY B 65 2.33 -12.80 -5.99
C GLY B 65 1.68 -11.46 -5.72
N ILE B 66 0.61 -11.18 -6.46
CA ILE B 66 -0.17 -9.98 -6.22
C ILE B 66 -1.63 -10.33 -6.07
N LYS B 67 -2.35 -9.48 -5.35
CA LYS B 67 -3.78 -9.62 -5.13
C LYS B 67 -4.11 -11.07 -4.74
N GLU B 68 -5.13 -11.67 -5.34
CA GLU B 68 -5.45 -13.07 -5.06
C GLU B 68 -4.34 -13.92 -5.65
N HIS B 69 -3.76 -14.78 -4.84
CA HIS B 69 -2.66 -15.63 -5.30
C HIS B 69 -2.75 -17.09 -4.84
N GLY B 70 -3.94 -17.53 -4.43
CA GLY B 70 -4.23 -18.95 -4.14
C GLY B 70 -4.37 -19.31 -2.67
N ASP B 71 -4.89 -18.38 -1.86
CA ASP B 71 -5.16 -18.62 -0.45
C ASP B 71 -6.14 -17.56 0.08
N PHE B 72 -6.37 -17.54 1.39
CA PHE B 72 -7.37 -16.63 1.98
C PHE B 72 -6.77 -15.32 2.41
N TYR B 73 -5.51 -15.06 2.04
CA TYR B 73 -4.77 -13.85 2.43
C TYR B 73 -4.34 -13.06 1.21
N PRO B 74 -5.31 -12.56 0.43
CA PRO B 74 -4.97 -11.81 -0.76
C PRO B 74 -4.18 -10.54 -0.43
N PHE B 75 -3.24 -10.19 -1.30
CA PHE B 75 -2.52 -8.94 -1.15
C PHE B 75 -3.38 -7.80 -1.65
N ASP B 76 -2.87 -6.58 -1.53
CA ASP B 76 -3.70 -5.39 -1.55
C ASP B 76 -3.09 -4.20 -2.32
N GLY B 77 -2.16 -4.45 -3.22
CA GLY B 77 -1.48 -3.37 -3.96
C GLY B 77 -0.35 -2.76 -3.13
N PRO B 78 0.17 -1.58 -3.54
CA PRO B 78 1.30 -0.99 -2.81
C PRO B 78 1.00 -0.71 -1.33
N SER B 79 1.97 -1.01 -0.48
CA SER B 79 1.88 -0.87 0.98
C SER B 79 0.78 -1.74 1.58
N GLY B 80 0.28 -1.40 2.77
CA GLY B 80 -0.52 -2.33 3.57
C GLY B 80 0.23 -3.64 3.77
N LEU B 81 -0.50 -4.76 3.66
CA LEU B 81 0.08 -6.10 3.69
C LEU B 81 1.34 -6.19 2.82
N LEU B 82 2.47 -6.56 3.41
CA LEU B 82 3.70 -6.78 2.62
C LEU B 82 3.95 -8.24 2.30
N ALA B 83 3.48 -9.11 3.18
CA ALA B 83 3.79 -10.53 3.13
C ALA B 83 3.05 -11.26 4.24
N HIS B 84 2.98 -12.57 4.14
CA HIS B 84 2.45 -13.41 5.20
C HIS B 84 3.06 -14.79 5.03
N ALA B 85 2.93 -15.59 6.08
CA ALA B 85 3.52 -16.90 6.12
C ALA B 85 2.61 -17.82 6.93
N PHE B 86 2.67 -19.11 6.64
CA PHE B 86 1.91 -20.11 7.36
C PHE B 86 2.78 -20.76 8.42
N PRO B 87 2.15 -21.17 9.53
CA PRO B 87 2.89 -21.86 10.58
C PRO B 87 3.33 -23.28 10.18
N PRO B 88 4.25 -23.87 10.96
CA PRO B 88 4.82 -25.17 10.66
C PRO B 88 3.75 -26.23 10.55
N GLY B 89 3.94 -27.13 9.60
CA GLY B 89 3.03 -28.23 9.39
C GLY B 89 3.17 -28.75 7.98
N PRO B 90 2.43 -29.82 7.66
CA PRO B 90 2.47 -30.35 6.32
C PRO B 90 1.70 -29.45 5.34
N ASN B 91 1.67 -29.84 4.08
CA ASN B 91 0.90 -29.15 3.05
C ASN B 91 1.45 -27.73 2.83
N TYR B 92 0.69 -26.69 3.17
CA TYR B 92 1.14 -25.30 3.00
C TYR B 92 1.98 -24.80 4.17
N GLY B 93 2.11 -25.59 5.23
CA GLY B 93 2.79 -25.13 6.44
C GLY B 93 4.19 -24.65 6.15
N GLY B 94 4.55 -23.50 6.68
CA GLY B 94 5.85 -22.90 6.46
C GLY B 94 5.97 -21.97 5.28
N ASP B 95 5.06 -22.07 4.32
CA ASP B 95 5.14 -21.26 3.11
C ASP B 95 5.07 -19.79 3.43
N ALA B 96 5.85 -19.02 2.69
CA ALA B 96 5.91 -17.58 2.87
C ALA B 96 5.62 -16.88 1.53
N HIS B 97 4.68 -15.94 1.55
CA HIS B 97 4.27 -15.23 0.32
C HIS B 97 4.61 -13.76 0.47
N PHE B 98 5.13 -13.17 -0.61
CA PHE B 98 5.49 -11.76 -0.64
C PHE B 98 4.73 -11.01 -1.74
N ASP B 99 4.21 -9.83 -1.41
CA ASP B 99 3.43 -8.99 -2.33
C ASP B 99 4.33 -8.33 -3.39
N ASP B 100 4.19 -8.75 -4.64
CA ASP B 100 5.02 -8.16 -5.69
C ASP B 100 4.52 -6.79 -6.19
N ASP B 101 3.53 -6.23 -5.49
CA ASP B 101 3.17 -4.83 -5.73
C ASP B 101 3.94 -3.89 -4.82
N GLU B 102 4.82 -4.42 -3.97
CA GLU B 102 5.76 -3.59 -3.21
C GLU B 102 7.05 -3.39 -3.99
N THR B 103 7.77 -2.31 -3.69
CA THR B 103 9.14 -2.12 -4.16
C THR B 103 10.10 -2.85 -3.21
N TRP B 104 10.64 -3.98 -3.64
CA TRP B 104 11.61 -4.73 -2.82
C TRP B 104 13.04 -4.27 -3.05
N THR B 105 13.78 -4.04 -1.94
CA THR B 105 15.17 -3.57 -2.04
C THR B 105 16.09 -4.23 -1.02
N SER B 106 17.39 -3.98 -1.20
CA SER B 106 18.45 -4.30 -0.25
C SER B 106 18.95 -3.01 0.41
N SER B 107 18.10 -2.01 0.50
CA SER B 107 18.50 -0.71 1.03
C SER B 107 17.41 -0.19 1.96
N SER B 108 17.35 1.13 2.14
CA SER B 108 16.37 1.77 3.00
C SER B 108 15.15 2.25 2.21
N LYS B 109 15.24 2.23 0.87
CA LYS B 109 14.09 2.60 0.05
C LYS B 109 13.11 1.44 -0.01
N GLY B 110 11.86 1.74 -0.33
CA GLY B 110 10.80 0.74 -0.41
C GLY B 110 10.80 -0.12 0.83
N TYR B 111 10.60 -1.42 0.63
CA TYR B 111 10.62 -2.37 1.72
C TYR B 111 11.80 -3.32 1.57
N ASN B 112 12.56 -3.43 2.65
CA ASN B 112 13.75 -4.27 2.69
C ASN B 112 13.35 -5.75 2.79
N LEU B 113 13.69 -6.51 1.74
CA LEU B 113 13.27 -7.90 1.60
C LEU B 113 13.80 -8.78 2.72
N PHE B 114 15.09 -8.63 3.03
CA PHE B 114 15.71 -9.33 4.15
C PHE B 114 14.92 -9.18 5.44
N LEU B 115 14.58 -7.94 5.80
CA LEU B 115 13.89 -7.71 7.07
C LEU B 115 12.48 -8.32 7.06
N VAL B 116 11.75 -8.17 5.97
CA VAL B 116 10.41 -8.73 5.87
C VAL B 116 10.49 -10.27 5.88
N ALA B 117 11.43 -10.84 5.14
CA ALA B 117 11.63 -12.31 5.18
C ALA B 117 12.03 -12.80 6.56
N ALA B 118 12.93 -12.11 7.23
CA ALA B 118 13.28 -12.52 8.60
C ALA B 118 12.02 -12.60 9.48
N HIS B 119 11.15 -11.60 9.39
CA HIS B 119 9.88 -11.60 10.12
C HIS B 119 9.01 -12.79 9.70
N GLU B 120 8.75 -12.94 8.41
CA GLU B 120 7.90 -14.03 7.94
C GLU B 120 8.43 -15.42 8.31
N PHE B 121 9.74 -15.61 8.24
CA PHE B 121 10.31 -16.91 8.55
C PHE B 121 10.11 -17.24 10.03
N GLY B 122 9.96 -16.23 10.87
CA GLY B 122 9.56 -16.45 12.26
C GLY B 122 8.22 -17.15 12.35
N HIS B 123 7.27 -16.74 11.51
CA HIS B 123 5.98 -17.42 11.46
C HIS B 123 6.16 -18.84 10.91
N SER B 124 6.97 -18.97 9.87
CA SER B 124 7.28 -20.27 9.26
C SER B 124 7.81 -21.28 10.28
N LEU B 125 8.46 -20.80 11.33
CA LEU B 125 9.02 -21.63 12.37
C LEU B 125 8.14 -21.75 13.63
N GLY B 126 7.01 -21.04 13.69
CA GLY B 126 6.06 -21.17 14.79
C GLY B 126 5.87 -19.98 15.71
N LEU B 127 6.50 -18.84 15.43
CA LEU B 127 6.27 -17.66 16.24
C LEU B 127 5.07 -16.85 15.76
N ASP B 128 4.26 -16.39 16.70
CA ASP B 128 3.17 -15.46 16.40
C ASP B 128 3.71 -14.05 16.64
N HIS B 129 2.83 -13.05 16.53
CA HIS B 129 3.24 -11.66 16.71
C HIS B 129 3.57 -11.32 18.15
N SER B 130 4.58 -10.46 18.33
CA SER B 130 4.97 -9.95 19.63
C SER B 130 4.25 -8.63 19.89
N LYS B 131 4.00 -8.33 21.17
CA LYS B 131 3.47 -7.02 21.57
C LYS B 131 4.59 -6.02 21.93
N ASP B 132 5.83 -6.48 21.89
CA ASP B 132 7.00 -5.64 22.13
C ASP B 132 7.32 -4.88 20.85
N PRO B 133 7.23 -3.53 20.88
CA PRO B 133 7.50 -2.74 19.67
C PRO B 133 8.95 -2.79 19.20
N GLY B 134 9.88 -3.22 20.04
CA GLY B 134 11.26 -3.43 19.62
C GLY B 134 11.53 -4.77 18.96
N ALA B 135 10.56 -5.69 18.95
CA ALA B 135 10.78 -7.06 18.46
C ALA B 135 10.67 -7.19 16.93
N LEU B 136 11.42 -8.12 16.36
CA LEU B 136 11.25 -8.49 14.96
C LEU B 136 9.84 -8.99 14.68
N MET B 137 9.22 -9.68 15.64
CA MET B 137 7.88 -10.22 15.41
C MET B 137 6.73 -9.23 15.73
N PHE B 138 7.04 -7.96 15.92
CA PHE B 138 6.01 -6.93 16.01
C PHE B 138 5.25 -6.86 14.66
N PRO B 139 3.93 -6.60 14.67
CA PRO B 139 3.17 -6.73 13.40
C PRO B 139 3.33 -5.60 12.36
N ILE B 140 3.99 -4.51 12.74
CA ILE B 140 4.17 -3.35 11.85
C ILE B 140 5.65 -3.17 11.50
N TYR B 141 5.93 -3.02 10.21
CA TYR B 141 7.30 -2.92 9.71
C TYR B 141 7.98 -1.62 10.12
N THR B 142 9.21 -1.73 10.60
CA THR B 142 10.08 -0.59 10.82
C THR B 142 11.46 -0.92 10.27
N TYR B 143 12.05 0.00 9.50
CA TYR B 143 13.35 -0.26 8.91
C TYR B 143 14.45 -0.06 9.94
N THR B 144 15.49 -0.90 9.86
CA THR B 144 16.78 -0.63 10.53
C THR B 144 17.90 -0.65 9.49
N GLY B 145 18.87 0.25 9.65
CA GLY B 145 19.89 0.51 8.62
C GLY B 145 21.15 -0.32 8.68
N LYS B 146 21.08 -2.06 11.31
CA LYS B 146 22.50 -1.60 11.44
C LYS B 146 23.40 -2.27 10.39
N SER B 147 23.24 -3.57 10.20
CA SER B 147 24.22 -4.45 9.53
C SER B 147 24.85 -5.22 10.68
N HIS B 148 24.64 -6.54 10.66
CA HIS B 148 24.45 -7.30 11.90
C HIS B 148 23.32 -6.57 12.58
N PHE B 149 22.12 -6.80 12.04
CA PHE B 149 20.91 -6.17 12.54
C PHE B 149 20.63 -6.63 13.99
N MET B 150 21.05 -7.86 14.30
CA MET B 150 20.94 -8.45 15.65
C MET B 150 19.49 -8.68 16.10
N LEU B 151 19.17 -9.95 16.28
CA LEU B 151 17.85 -10.37 16.72
C LEU B 151 17.56 -9.91 18.14
N PRO B 152 16.46 -9.18 18.36
CA PRO B 152 16.14 -8.71 19.71
C PRO B 152 15.85 -9.84 20.70
N ASP B 153 16.07 -9.57 21.98
CA ASP B 153 15.89 -10.57 23.04
C ASP B 153 14.49 -11.21 23.07
N ASP B 154 13.46 -10.44 22.72
CA ASP B 154 12.09 -10.97 22.76
C ASP B 154 11.90 -12.12 21.77
N ASP B 155 12.45 -11.96 20.56
CA ASP B 155 12.37 -12.99 19.54
C ASP B 155 13.26 -14.18 19.87
N VAL B 156 14.44 -13.89 20.44
CA VAL B 156 15.37 -14.94 20.87
C VAL B 156 14.70 -15.83 21.91
N GLN B 157 14.08 -15.21 22.90
CA GLN B 157 13.37 -15.96 23.94
C GLN B 157 12.22 -16.78 23.35
N GLY B 158 11.48 -16.20 22.42
CA GLY B 158 10.35 -16.92 21.79
C GLY B 158 10.74 -18.17 21.00
N ILE B 159 11.76 -18.06 20.16
CA ILE B 159 12.15 -19.18 19.32
C ILE B 159 12.88 -20.25 20.14
N GLN B 160 13.60 -19.82 21.17
CA GLN B 160 14.26 -20.76 22.08
C GLN B 160 13.25 -21.53 22.95
N SER B 161 12.11 -20.90 23.27
CA SER B 161 11.01 -21.63 23.93
C SER B 161 10.44 -22.73 23.00
N LEU B 162 10.55 -22.54 21.69
CA LEU B 162 10.14 -23.59 20.74
C LEU B 162 11.23 -24.64 20.50
N TYR B 163 12.45 -24.22 20.21
CA TYR B 163 13.50 -25.14 19.75
C TYR B 163 14.70 -25.34 20.69
N GLY B 164 14.74 -24.62 21.81
CA GLY B 164 15.75 -24.86 22.86
C GLY B 164 17.12 -24.23 22.64
N ALA C 1 -33.78 -4.95 -19.45
CA ALA C 1 -32.96 -6.19 -19.43
C ALA C 1 -31.53 -5.88 -19.83
N ASN C 2 -30.59 -6.64 -19.26
CA ASN C 2 -29.17 -6.49 -19.57
C ASN C 2 -28.52 -7.86 -19.75
N VAL C 3 -27.57 -7.94 -20.68
CA VAL C 3 -26.76 -9.13 -20.87
C VAL C 3 -25.37 -8.84 -20.31
N PHE C 4 -24.50 -9.83 -20.27
CA PHE C 4 -23.17 -9.66 -19.69
C PHE C 4 -22.21 -8.96 -20.65
N PRO C 5 -21.21 -8.24 -20.07
CA PRO C 5 -20.13 -7.64 -20.85
C PRO C 5 -19.14 -8.71 -21.31
N ARG C 6 -20.14 -7.85 -23.82
CA ARG C 6 -19.36 -8.73 -24.73
C ARG C 6 -17.85 -8.76 -24.40
N THR C 7 -17.18 -9.86 -24.78
CA THR C 7 -15.71 -9.96 -24.78
C THR C 7 -15.27 -10.51 -26.14
N LEU C 8 -14.82 -9.64 -27.05
CA LEU C 8 -14.49 -10.05 -28.43
C LEU C 8 -13.05 -9.73 -28.79
N LYS C 9 -12.67 -8.47 -28.65
CA LYS C 9 -11.33 -7.99 -28.99
C LYS C 9 -10.99 -6.75 -28.16
N TRP C 10 -9.72 -6.36 -28.14
CA TRP C 10 -9.34 -5.07 -27.55
C TRP C 10 -9.83 -3.92 -28.43
N SER C 11 -10.51 -2.94 -27.84
CA SER C 11 -11.02 -1.80 -28.59
C SER C 11 -9.98 -0.69 -28.78
N LYS C 12 -8.77 -0.90 -28.28
CA LYS C 12 -7.69 0.06 -28.45
C LYS C 12 -6.46 -0.64 -29.02
N MET C 13 -5.64 0.11 -29.75
CA MET C 13 -4.50 -0.47 -30.46
C MET C 13 -3.21 -0.48 -29.63
N ASN C 14 -3.08 0.40 -28.64
CA ASN C 14 -1.86 0.50 -27.85
C ASN C 14 -2.05 -0.14 -26.48
N LEU C 15 -1.51 -1.34 -26.32
CA LEU C 15 -1.73 -2.16 -25.13
C LEU C 15 -0.48 -2.20 -24.25
N THR C 16 -0.70 -2.43 -22.95
CA THR C 16 0.37 -2.47 -21.98
C THR C 16 0.49 -3.86 -21.38
N TYR C 17 1.71 -4.25 -21.05
CA TYR C 17 1.92 -5.48 -20.34
C TYR C 17 2.88 -5.27 -19.18
N ARG C 18 2.75 -6.15 -18.19
CA ARG C 18 3.62 -6.13 -17.02
C ARG C 18 4.06 -7.55 -16.72
N ILE C 19 5.37 -7.73 -16.55
CA ILE C 19 5.93 -8.98 -16.09
C ILE C 19 5.94 -8.86 -14.57
N VAL C 20 4.96 -9.49 -13.93
CA VAL C 20 4.73 -9.28 -12.50
C VAL C 20 5.82 -9.96 -11.64
N ASN C 21 6.21 -11.16 -12.06
CA ASN C 21 7.32 -11.91 -11.46
C ASN C 21 8.00 -12.79 -12.50
N TYR C 22 9.09 -13.45 -12.09
CA TYR C 22 9.98 -14.15 -13.01
C TYR C 22 10.27 -15.56 -12.55
N THR C 23 10.37 -16.48 -13.50
CA THR C 23 10.85 -17.84 -13.24
C THR C 23 12.34 -17.88 -12.86
N PRO C 24 12.74 -18.83 -12.02
CA PRO C 24 14.16 -19.05 -11.71
C PRO C 24 14.99 -19.62 -12.88
N ASP C 25 14.34 -20.18 -13.89
CA ASP C 25 15.00 -20.97 -14.90
C ASP C 25 15.82 -20.16 -15.91
N MET C 26 15.51 -18.88 -16.03
CA MET C 26 16.10 -18.00 -17.04
C MET C 26 16.43 -16.67 -16.38
N THR C 27 17.35 -15.91 -16.97
CA THR C 27 17.68 -14.57 -16.46
C THR C 27 16.52 -13.61 -16.72
N HIS C 28 16.46 -12.52 -15.96
CA HIS C 28 15.47 -11.45 -16.21
C HIS C 28 15.47 -11.10 -17.69
N SER C 29 16.67 -10.86 -18.20
CA SER C 29 16.87 -10.44 -19.56
C SER C 29 16.37 -11.45 -20.60
N GLU C 30 16.63 -12.74 -20.39
CA GLU C 30 16.09 -13.79 -21.26
C GLU C 30 14.56 -13.88 -21.28
N VAL C 31 13.94 -13.73 -20.11
CA VAL C 31 12.47 -13.72 -19.99
C VAL C 31 11.84 -12.52 -20.71
N GLU C 32 12.45 -11.35 -20.54
CA GLU C 32 12.00 -10.11 -21.20
C GLU C 32 12.08 -10.21 -22.74
N LYS C 33 13.22 -10.69 -23.24
CA LYS C 33 13.38 -10.96 -24.68
C LYS C 33 12.33 -11.94 -25.21
N ALA C 34 12.08 -13.02 -24.47
CA ALA C 34 11.12 -14.02 -24.91
C ALA C 34 9.72 -13.41 -25.05
N PHE C 35 9.31 -12.62 -24.07
CA PHE C 35 7.99 -12.02 -24.11
C PHE C 35 7.87 -10.92 -25.18
N LYS C 36 8.93 -10.14 -25.36
CA LYS C 36 8.96 -9.06 -26.33
C LYS C 36 8.85 -9.67 -27.74
N LYS C 37 9.63 -10.71 -27.99
CA LYS C 37 9.55 -11.45 -29.23
C LYS C 37 8.15 -12.05 -29.45
N ALA C 38 7.52 -12.54 -28.38
CA ALA C 38 6.18 -13.15 -28.48
C ALA C 38 5.11 -12.13 -28.85
N PHE C 39 5.17 -10.93 -28.28
CA PHE C 39 4.28 -9.84 -28.72
C PHE C 39 4.53 -9.39 -30.15
N LYS C 40 5.79 -9.40 -30.58
CA LYS C 40 6.16 -8.98 -31.93
C LYS C 40 5.61 -9.93 -33.00
N VAL C 41 5.40 -11.19 -32.62
CA VAL C 41 4.73 -12.16 -33.49
C VAL C 41 3.39 -11.59 -33.96
N TRP C 42 2.69 -10.93 -33.04
CA TRP C 42 1.34 -10.44 -33.31
C TRP C 42 1.29 -9.00 -33.80
N SER C 43 2.21 -8.15 -33.32
CA SER C 43 2.31 -6.77 -33.77
C SER C 43 2.78 -6.63 -35.22
N ASP C 44 3.53 -7.61 -35.69
CA ASP C 44 4.01 -7.62 -37.07
C ASP C 44 2.90 -7.85 -38.09
N VAL C 45 1.77 -8.41 -37.68
CA VAL C 45 0.67 -8.72 -38.61
C VAL C 45 -0.63 -7.93 -38.33
N THR C 46 -0.58 -7.04 -37.34
CA THR C 46 -1.74 -6.24 -36.93
C THR C 46 -1.26 -4.81 -36.65
N PRO C 47 -2.19 -3.85 -36.51
CA PRO C 47 -1.81 -2.52 -36.03
C PRO C 47 -1.61 -2.40 -34.51
N LEU C 48 -1.66 -3.52 -33.79
CA LEU C 48 -1.45 -3.55 -32.33
C LEU C 48 -0.03 -3.15 -31.92
N ASN C 49 0.08 -2.37 -30.86
CA ASN C 49 1.38 -1.98 -30.28
C ASN C 49 1.41 -2.37 -28.79
N PHE C 50 2.57 -2.80 -28.30
CA PHE C 50 2.72 -3.27 -26.91
C PHE C 50 3.86 -2.56 -26.21
N THR C 51 3.59 -2.01 -25.02
CA THR C 51 4.64 -1.39 -24.21
C THR C 51 4.65 -1.99 -22.82
N ARG C 52 5.85 -2.10 -22.27
CA ARG C 52 6.00 -2.76 -20.99
C ARG C 52 5.92 -1.75 -19.84
N LEU C 53 5.15 -2.08 -18.81
CA LEU C 53 5.14 -1.30 -17.58
C LEU C 53 5.87 -2.07 -16.47
N HIS C 54 6.58 -1.37 -15.61
CA HIS C 54 7.32 -2.02 -14.53
C HIS C 54 6.50 -2.17 -13.25
N ASP C 55 5.38 -1.46 -13.16
CA ASP C 55 4.55 -1.41 -11.96
C ASP C 55 3.09 -1.14 -12.31
N GLY C 56 2.19 -1.47 -11.39
CA GLY C 56 0.79 -1.10 -11.51
C GLY C 56 0.02 -2.01 -12.45
N ILE C 57 -1.12 -1.50 -12.90
CA ILE C 57 -2.09 -2.28 -13.66
C ILE C 57 -1.82 -2.14 -15.16
N ALA C 58 -1.56 -3.26 -15.83
CA ALA C 58 -1.41 -3.30 -17.29
C ALA C 58 -2.58 -4.06 -17.90
N ASP C 59 -2.75 -3.95 -19.21
CA ASP C 59 -3.81 -4.68 -19.92
C ASP C 59 -3.60 -6.19 -19.83
N ILE C 60 -2.33 -6.58 -19.99
CA ILE C 60 -1.89 -7.97 -19.97
C ILE C 60 -0.87 -8.18 -18.83
N MET C 61 -1.32 -8.81 -17.75
CA MET C 61 -0.48 -9.08 -16.58
C MET C 61 0.12 -10.46 -16.70
N ILE C 62 1.45 -10.56 -16.67
CA ILE C 62 2.11 -11.82 -16.93
C ILE C 62 2.68 -12.31 -15.61
N SER C 63 2.39 -13.54 -15.22
CA SER C 63 2.94 -14.10 -13.98
C SER C 63 3.27 -15.59 -14.09
N PHE C 64 4.19 -16.01 -13.23
CA PHE C 64 4.57 -17.40 -13.05
C PHE C 64 4.02 -17.87 -11.70
N GLY C 65 3.46 -19.07 -11.68
CA GLY C 65 2.90 -19.63 -10.47
C GLY C 65 2.83 -21.13 -10.53
N ILE C 66 2.47 -21.74 -9.43
CA ILE C 66 2.35 -23.18 -9.36
C ILE C 66 1.02 -23.56 -8.71
N LYS C 67 0.52 -24.74 -9.07
CA LYS C 67 -0.68 -25.30 -8.47
C LYS C 67 -1.78 -24.25 -8.44
N GLU C 68 -2.47 -24.08 -7.32
CA GLU C 68 -3.50 -23.04 -7.19
C GLU C 68 -2.79 -21.71 -6.96
N HIS C 69 -2.97 -20.80 -7.91
CA HIS C 69 -2.22 -19.55 -7.91
C HIS C 69 -3.11 -18.31 -8.02
N GLY C 70 -4.41 -18.48 -7.76
CA GLY C 70 -5.31 -17.34 -7.53
C GLY C 70 -6.47 -17.15 -8.50
N ASP C 71 -6.70 -18.10 -9.41
CA ASP C 71 -7.82 -17.97 -10.36
C ASP C 71 -8.74 -19.20 -10.40
N PHE C 72 -8.48 -20.17 -9.53
CA PHE C 72 -9.22 -21.42 -9.50
C PHE C 72 -9.06 -22.23 -10.79
N TYR C 73 -8.03 -21.93 -11.58
CA TYR C 73 -7.60 -22.79 -12.69
C TYR C 73 -6.17 -23.28 -12.37
N PRO C 74 -6.04 -24.28 -11.50
CA PRO C 74 -4.72 -24.61 -10.95
C PRO C 74 -3.83 -25.29 -11.96
N PHE C 75 -2.52 -25.09 -11.84
CA PHE C 75 -1.57 -25.88 -12.62
C PHE C 75 -1.35 -27.24 -11.96
N ASP C 76 -0.57 -28.11 -12.62
CA ASP C 76 -0.55 -29.53 -12.31
C ASP C 76 0.86 -30.12 -12.08
N GLY C 77 1.85 -29.27 -11.79
CA GLY C 77 3.23 -29.75 -11.59
C GLY C 77 3.98 -29.88 -12.93
N PRO C 78 5.08 -30.65 -12.94
CA PRO C 78 5.87 -30.76 -14.19
C PRO C 78 5.11 -31.45 -15.34
N SER C 79 5.35 -30.98 -16.56
CA SER C 79 4.65 -31.43 -17.79
C SER C 79 3.14 -31.18 -17.71
N GLY C 80 2.34 -31.89 -18.51
CA GLY C 80 0.90 -31.62 -18.57
C GLY C 80 0.68 -30.18 -19.01
N LEU C 81 -0.24 -29.50 -18.34
CA LEU C 81 -0.55 -28.11 -18.65
C LEU C 81 0.67 -27.22 -18.39
N LEU C 82 0.97 -26.34 -19.35
CA LEU C 82 2.16 -25.49 -19.31
C LEU C 82 1.87 -24.05 -18.92
N ALA C 83 0.71 -23.55 -19.34
CA ALA C 83 0.37 -22.15 -19.22
C ALA C 83 -1.09 -21.96 -19.58
N HIS C 84 -1.62 -20.78 -19.25
CA HIS C 84 -2.93 -20.40 -19.75
C HIS C 84 -3.10 -18.89 -19.76
N ALA C 85 -4.14 -18.44 -20.45
CA ALA C 85 -4.41 -17.02 -20.61
C ALA C 85 -5.88 -16.72 -20.80
N PHE C 86 -6.24 -15.47 -20.56
CA PHE C 86 -7.62 -15.05 -20.57
C PHE C 86 -7.85 -14.14 -21.74
N PRO C 87 -9.05 -14.26 -22.37
CA PRO C 87 -9.42 -13.40 -23.48
C PRO C 87 -9.61 -11.94 -23.08
N PRO C 88 -9.65 -11.03 -24.06
CA PRO C 88 -9.74 -9.61 -23.76
C PRO C 88 -10.91 -9.26 -22.86
N GLY C 89 -10.69 -8.21 -22.06
CA GLY C 89 -11.72 -7.69 -21.18
C GLY C 89 -11.08 -7.02 -19.99
N PRO C 90 -11.89 -6.39 -19.12
CA PRO C 90 -11.37 -5.80 -17.88
C PRO C 90 -10.96 -6.88 -16.87
N ASN C 91 -10.41 -6.47 -15.73
CA ASN C 91 -10.02 -7.39 -14.65
C ASN C 91 -8.89 -8.37 -15.03
N TYR C 92 -9.17 -9.67 -15.02
CA TYR C 92 -8.21 -10.69 -15.44
C TYR C 92 -8.04 -10.77 -16.96
N GLY C 93 -8.96 -10.16 -17.72
CA GLY C 93 -8.91 -10.17 -19.17
C GLY C 93 -7.53 -9.84 -19.72
N GLY C 94 -7.00 -10.73 -20.56
CA GLY C 94 -5.68 -10.53 -21.18
C GLY C 94 -4.54 -11.24 -20.46
N ASP C 95 -4.73 -11.57 -19.19
CA ASP C 95 -3.62 -12.06 -18.38
C ASP C 95 -3.11 -13.42 -18.85
N ALA C 96 -1.82 -13.65 -18.62
CA ALA C 96 -1.15 -14.87 -19.04
C ALA C 96 -0.37 -15.43 -17.85
N HIS C 97 -0.66 -16.67 -17.48
CA HIS C 97 -0.01 -17.36 -16.36
C HIS C 97 0.83 -18.53 -16.87
N PHE C 98 2.07 -18.67 -16.39
CA PHE C 98 2.98 -19.75 -16.80
C PHE C 98 3.31 -20.65 -15.59
N ASP C 99 3.27 -21.95 -15.79
CA ASP C 99 3.45 -22.94 -14.70
C ASP C 99 4.93 -23.03 -14.34
N ASP C 100 5.27 -22.58 -13.14
CA ASP C 100 6.69 -22.55 -12.79
C ASP C 100 7.22 -23.87 -12.26
N ASP C 101 6.42 -24.93 -12.34
CA ASP C 101 6.97 -26.26 -12.19
C ASP C 101 7.50 -26.81 -13.52
N GLU C 102 7.37 -26.08 -14.62
CA GLU C 102 8.00 -26.48 -15.89
C GLU C 102 9.43 -25.99 -15.94
N THR C 103 10.24 -26.60 -16.80
CA THR C 103 11.59 -26.09 -17.07
C THR C 103 11.50 -25.17 -18.28
N TRP C 104 11.55 -23.87 -18.03
CA TRP C 104 11.47 -22.85 -19.08
C TRP C 104 12.86 -22.58 -19.63
N THR C 105 12.97 -22.53 -20.95
CA THR C 105 14.27 -22.31 -21.59
C THR C 105 14.17 -21.39 -22.81
N SER C 106 15.32 -21.06 -23.38
CA SER C 106 15.36 -20.43 -24.68
C SER C 106 16.00 -21.37 -25.70
N SER C 107 15.76 -22.67 -25.55
CA SER C 107 16.28 -23.69 -26.46
C SER C 107 15.23 -24.78 -26.65
N SER C 108 15.67 -25.96 -27.09
CA SER C 108 14.78 -27.12 -27.21
C SER C 108 14.60 -27.86 -25.89
N LYS C 109 15.51 -27.67 -24.92
CA LYS C 109 15.37 -28.28 -23.59
C LYS C 109 14.09 -27.77 -22.93
N GLY C 110 13.48 -28.60 -22.10
CA GLY C 110 12.24 -28.24 -21.41
C GLY C 110 11.17 -27.71 -22.34
N TYR C 111 10.63 -26.56 -21.99
CA TYR C 111 9.64 -25.89 -22.80
C TYR C 111 10.18 -24.48 -23.15
N ASN C 112 10.22 -24.17 -24.44
CA ASN C 112 10.66 -22.84 -24.90
C ASN C 112 9.67 -21.75 -24.51
N LEU C 113 10.12 -20.78 -23.70
CA LEU C 113 9.19 -19.78 -23.13
C LEU C 113 8.57 -18.91 -24.23
N PHE C 114 9.40 -18.50 -25.19
CA PHE C 114 8.94 -17.70 -26.32
C PHE C 114 7.79 -18.36 -27.07
N LEU C 115 7.93 -19.63 -27.42
CA LEU C 115 6.87 -20.35 -28.15
C LEU C 115 5.57 -20.46 -27.34
N VAL C 116 5.68 -20.75 -26.06
CA VAL C 116 4.49 -20.85 -25.21
C VAL C 116 3.82 -19.49 -25.05
N ALA C 117 4.60 -18.44 -24.83
CA ALA C 117 4.07 -17.08 -24.68
C ALA C 117 3.39 -16.61 -25.96
N ALA C 118 3.98 -16.91 -27.10
CA ALA C 118 3.38 -16.53 -28.38
C ALA C 118 1.99 -17.15 -28.51
N HIS C 119 1.87 -18.42 -28.14
CA HIS C 119 0.57 -19.09 -28.17
C HIS C 119 -0.39 -18.42 -27.19
N GLU C 120 0.03 -18.26 -25.93
CA GLU C 120 -0.86 -17.66 -24.92
C GLU C 120 -1.30 -16.25 -25.27
N PHE C 121 -0.40 -15.43 -25.79
CA PHE C 121 -0.78 -14.07 -26.16
C PHE C 121 -1.82 -14.04 -27.30
N GLY C 122 -1.86 -15.10 -28.09
CA GLY C 122 -2.95 -15.28 -29.06
C GLY C 122 -4.29 -15.31 -28.34
N HIS C 123 -4.35 -16.08 -27.25
CA HIS C 123 -5.54 -16.10 -26.39
C HIS C 123 -5.82 -14.68 -25.83
N SER C 124 -4.80 -14.03 -25.28
CA SER C 124 -4.93 -12.70 -24.68
C SER C 124 -5.52 -11.65 -25.62
N LEU C 125 -5.30 -11.82 -26.93
CA LEU C 125 -5.81 -10.88 -27.94
C LEU C 125 -7.14 -11.29 -28.54
N GLY C 126 -7.59 -12.51 -28.23
CA GLY C 126 -8.94 -12.96 -28.58
C GLY C 126 -9.02 -14.19 -29.47
N LEU C 127 -7.91 -14.87 -29.73
CA LEU C 127 -7.95 -16.11 -30.54
C LEU C 127 -8.24 -17.35 -29.67
N ASP C 128 -9.03 -18.28 -30.22
CA ASP C 128 -9.28 -19.58 -29.58
C ASP C 128 -8.30 -20.58 -30.19
N HIS C 129 -8.44 -21.85 -29.83
CA HIS C 129 -7.58 -22.88 -30.40
C HIS C 129 -7.93 -23.18 -31.85
N SER C 130 -6.91 -23.46 -32.65
CA SER C 130 -7.08 -23.86 -34.05
C SER C 130 -7.12 -25.38 -34.15
N LYS C 131 -7.77 -25.90 -35.19
CA LYS C 131 -7.75 -27.33 -35.51
C LYS C 131 -6.61 -27.72 -36.45
N ASP C 132 -5.96 -26.72 -37.05
CA ASP C 132 -4.86 -26.92 -37.97
C ASP C 132 -3.63 -27.37 -37.17
N PRO C 133 -3.15 -28.59 -37.40
CA PRO C 133 -2.00 -29.08 -36.61
C PRO C 133 -0.69 -28.32 -36.83
N GLY C 134 -0.65 -27.43 -37.82
CA GLY C 134 0.54 -26.61 -38.08
C GLY C 134 0.43 -25.21 -37.51
N ALA C 135 -0.75 -24.85 -37.00
CA ALA C 135 -0.97 -23.50 -36.46
C ALA C 135 -0.30 -23.31 -35.11
N LEU C 136 0.05 -22.07 -34.81
CA LEU C 136 0.56 -21.69 -33.50
C LEU C 136 -0.51 -21.85 -32.41
N MET C 137 -1.78 -21.67 -32.79
CA MET C 137 -2.89 -21.78 -31.86
C MET C 137 -3.44 -23.22 -31.71
N PHE C 138 -2.75 -24.19 -32.31
CA PHE C 138 -3.02 -25.61 -32.06
C PHE C 138 -2.80 -25.88 -30.55
N PRO C 139 -3.65 -26.72 -29.92
CA PRO C 139 -3.60 -26.86 -28.45
C PRO C 139 -2.42 -27.65 -27.85
N ILE C 140 -1.61 -28.28 -28.69
CA ILE C 140 -0.49 -29.12 -28.25
C ILE C 140 0.86 -28.49 -28.64
N TYR C 141 1.74 -28.31 -27.64
CA TYR C 141 3.06 -27.77 -27.87
C TYR C 141 3.94 -28.69 -28.71
N THR C 142 4.64 -28.09 -29.66
CA THR C 142 5.72 -28.78 -30.37
C THR C 142 6.82 -27.76 -30.61
N TYR C 143 8.07 -28.20 -30.61
CA TYR C 143 9.16 -27.26 -30.76
C TYR C 143 9.48 -26.98 -32.21
N THR C 144 9.59 -25.70 -32.55
CA THR C 144 10.18 -25.29 -33.83
C THR C 144 11.31 -24.31 -33.55
N GLY C 145 12.44 -24.48 -34.23
CA GLY C 145 13.54 -23.52 -34.15
C GLY C 145 13.16 -22.25 -34.90
N LYS C 146 15.44 -21.66 -36.38
CA LYS C 146 15.39 -20.59 -37.42
C LYS C 146 15.11 -19.21 -36.80
N SER C 147 15.54 -18.17 -37.53
CA SER C 147 15.40 -16.79 -37.10
C SER C 147 13.92 -16.39 -37.10
N HIS C 148 13.49 -15.76 -36.01
CA HIS C 148 12.11 -15.26 -35.88
C HIS C 148 11.02 -16.34 -35.70
N PHE C 149 11.14 -17.48 -36.42
CA PHE C 149 10.03 -18.44 -36.57
C PHE C 149 8.92 -17.69 -37.30
N MET C 150 8.17 -18.36 -38.17
CA MET C 150 7.14 -17.64 -38.94
C MET C 150 5.75 -18.01 -38.47
N LEU C 151 4.94 -16.99 -38.19
CA LEU C 151 3.54 -17.18 -37.80
C LEU C 151 2.79 -17.83 -38.94
N PRO C 152 2.23 -19.04 -38.73
CA PRO C 152 1.54 -19.73 -39.83
C PRO C 152 0.28 -19.02 -40.31
N ASP C 153 -0.14 -19.35 -41.53
CA ASP C 153 -1.20 -18.60 -42.21
C ASP C 153 -2.55 -18.63 -41.50
N ASP C 154 -2.85 -19.73 -40.83
CA ASP C 154 -4.11 -19.86 -40.09
C ASP C 154 -4.21 -18.85 -38.94
N ASP C 155 -3.13 -18.65 -38.22
CA ASP C 155 -3.08 -17.63 -37.18
C ASP C 155 -3.10 -16.19 -37.75
N VAL C 156 -2.46 -15.99 -38.90
CA VAL C 156 -2.46 -14.68 -39.55
C VAL C 156 -3.88 -14.27 -39.94
N GLN C 157 -4.61 -15.17 -40.59
CA GLN C 157 -6.00 -14.92 -40.97
C GLN C 157 -6.89 -14.67 -39.74
N GLY C 158 -6.71 -15.49 -38.71
CA GLY C 158 -7.49 -15.33 -37.48
C GLY C 158 -7.32 -13.97 -36.82
N ILE C 159 -6.08 -13.60 -36.53
CA ILE C 159 -5.81 -12.35 -35.84
C ILE C 159 -6.21 -11.15 -36.69
N GLN C 160 -6.04 -11.25 -38.01
CA GLN C 160 -6.40 -10.17 -38.91
C GLN C 160 -7.91 -10.01 -39.06
N SER C 161 -8.67 -11.09 -38.91
CA SER C 161 -10.13 -10.98 -38.88
C SER C 161 -10.57 -10.14 -37.66
N LEU C 162 -9.74 -10.12 -36.61
CA LEU C 162 -10.04 -9.32 -35.42
C LEU C 162 -9.54 -7.88 -35.50
N TYR C 163 -8.30 -7.69 -35.95
CA TYR C 163 -7.66 -6.36 -35.89
C TYR C 163 -7.29 -5.74 -37.25
N GLY C 164 -7.49 -6.47 -38.35
CA GLY C 164 -7.22 -5.95 -39.68
C GLY C 164 -5.74 -5.84 -40.04
N ALA D 1 -44.45 26.08 -0.73
CA ALA D 1 -43.53 24.95 -0.46
C ALA D 1 -42.12 25.31 -0.85
N ASN D 2 -41.17 24.53 -0.33
CA ASN D 2 -39.77 24.67 -0.67
C ASN D 2 -39.15 23.31 -0.95
N VAL D 3 -38.26 23.28 -1.93
CA VAL D 3 -37.48 22.11 -2.27
C VAL D 3 -36.08 22.40 -1.71
N PHE D 4 -35.25 21.36 -1.55
CA PHE D 4 -33.89 21.56 -1.07
C PHE D 4 -33.07 22.39 -2.07
N PRO D 5 -32.04 23.11 -1.59
CA PRO D 5 -31.10 23.82 -2.46
C PRO D 5 -30.49 22.93 -3.55
N ARG D 6 -30.47 23.44 -4.78
CA ARG D 6 -29.80 22.79 -5.90
C ARG D 6 -28.29 22.73 -5.65
N THR D 7 -27.59 21.85 -6.35
CA THR D 7 -26.16 21.57 -6.08
C THR D 7 -25.28 21.48 -7.35
N LEU D 8 -25.50 22.37 -8.33
CA LEU D 8 -24.99 22.13 -9.71
C LEU D 8 -23.54 22.55 -10.02
N LYS D 9 -23.21 23.84 -9.89
CA LYS D 9 -21.88 24.32 -10.27
C LYS D 9 -21.54 25.60 -9.54
N TRP D 10 -20.25 25.94 -9.49
CA TRP D 10 -19.84 27.21 -8.91
C TRP D 10 -20.30 28.36 -9.80
N SER D 11 -20.81 29.42 -9.16
CA SER D 11 -21.25 30.60 -9.91
C SER D 11 -20.14 31.63 -10.04
N LYS D 12 -18.97 31.35 -9.49
CA LYS D 12 -17.83 32.27 -9.61
C LYS D 12 -16.65 31.55 -10.28
N MET D 13 -15.89 32.28 -11.08
CA MET D 13 -14.81 31.71 -11.88
C MET D 13 -13.46 31.67 -11.10
N ASN D 14 -13.30 32.55 -10.11
CA ASN D 14 -12.10 32.57 -9.29
C ASN D 14 -12.36 31.90 -7.95
N LEU D 15 -11.83 30.68 -7.80
CA LEU D 15 -12.06 29.83 -6.64
C LEU D 15 -10.82 29.72 -5.78
N THR D 16 -11.01 29.57 -4.48
CA THR D 16 -9.89 29.45 -3.56
C THR D 16 -9.81 28.04 -2.97
N TYR D 17 -8.59 27.59 -2.71
CA TYR D 17 -8.38 26.36 -1.98
C TYR D 17 -7.37 26.49 -0.86
N ARG D 18 -7.46 25.59 0.11
CA ARG D 18 -6.55 25.57 1.23
C ARG D 18 -6.14 24.16 1.55
N ILE D 19 -4.84 23.95 1.74
CA ILE D 19 -4.33 22.65 2.14
C ILE D 19 -4.24 22.71 3.66
N VAL D 20 -5.21 22.09 4.32
CA VAL D 20 -5.40 22.21 5.75
C VAL D 20 -4.25 21.52 6.52
N ASN D 21 -3.87 20.34 6.04
CA ASN D 21 -2.76 19.56 6.60
C ASN D 21 -2.12 18.69 5.52
N TYR D 22 -1.05 17.99 5.89
CA TYR D 22 -0.17 17.34 4.93
C TYR D 22 0.13 15.88 5.31
N THR D 23 0.23 15.02 4.30
CA THR D 23 0.69 13.63 4.49
C THR D 23 2.18 13.58 4.86
N PRO D 24 2.59 12.58 5.65
CA PRO D 24 4.01 12.40 5.95
C PRO D 24 4.84 11.92 4.75
N ASP D 25 4.17 11.38 3.73
CA ASP D 25 4.85 10.65 2.66
C ASP D 25 5.65 11.52 1.69
N MET D 26 5.29 12.80 1.58
CA MET D 26 5.90 13.71 0.60
C MET D 26 6.24 15.02 1.29
N THR D 27 7.16 15.81 0.74
CA THR D 27 7.45 17.13 1.33
C THR D 27 6.27 18.07 1.13
N HIS D 28 6.26 19.16 1.89
CA HIS D 28 5.24 20.21 1.69
C HIS D 28 5.18 20.66 0.23
N SER D 29 6.37 20.90 -0.33
CA SER D 29 6.50 21.41 -1.69
C SER D 29 5.97 20.40 -2.73
N GLU D 30 6.26 19.11 -2.56
CA GLU D 30 5.74 18.08 -3.46
C GLU D 30 4.20 17.99 -3.41
N VAL D 31 3.63 18.10 -2.22
CA VAL D 31 2.17 18.08 -2.05
C VAL D 31 1.54 19.32 -2.70
N GLU D 32 2.13 20.49 -2.48
CA GLU D 32 1.64 21.74 -3.07
C GLU D 32 1.69 21.67 -4.59
N LYS D 33 2.80 21.19 -5.14
CA LYS D 33 2.97 21.04 -6.59
C LYS D 33 1.93 20.11 -7.18
N ALA D 34 1.68 18.99 -6.50
CA ALA D 34 0.71 17.99 -6.98
C ALA D 34 -0.70 18.58 -7.03
N PHE D 35 -1.11 19.32 -6.01
CA PHE D 35 -2.43 19.95 -6.03
C PHE D 35 -2.56 21.05 -7.10
N LYS D 36 -1.51 21.83 -7.24
CA LYS D 36 -1.47 22.91 -8.21
C LYS D 36 -1.64 22.37 -9.62
N LYS D 37 -0.89 21.31 -9.92
CA LYS D 37 -1.00 20.60 -11.17
C LYS D 37 -2.38 19.98 -11.39
N ALA D 38 -2.96 19.41 -10.34
CA ALA D 38 -4.32 18.85 -10.44
C ALA D 38 -5.36 19.92 -10.81
N PHE D 39 -5.25 21.10 -10.21
CA PHE D 39 -6.18 22.18 -10.55
C PHE D 39 -5.98 22.67 -11.99
N LYS D 40 -4.73 22.69 -12.41
CA LYS D 40 -4.37 23.15 -13.74
C LYS D 40 -5.01 22.23 -14.80
N VAL D 41 -5.20 20.96 -14.46
CA VAL D 41 -5.88 20.03 -15.36
C VAL D 41 -7.21 20.65 -15.80
N TRP D 42 -7.94 21.20 -14.85
CA TRP D 42 -9.28 21.73 -15.07
C TRP D 42 -9.25 23.18 -15.59
N SER D 43 -8.34 24.00 -15.09
CA SER D 43 -8.20 25.40 -15.54
C SER D 43 -7.71 25.51 -17.00
N ASP D 44 -7.02 24.47 -17.48
CA ASP D 44 -6.54 24.41 -18.86
C ASP D 44 -7.66 24.21 -19.89
N VAL D 45 -8.84 23.83 -19.43
CA VAL D 45 -9.95 23.54 -20.33
C VAL D 45 -11.22 24.35 -20.01
N THR D 46 -11.13 25.26 -19.04
CA THR D 46 -12.26 26.10 -18.61
C THR D 46 -11.75 27.52 -18.29
N PRO D 47 -12.67 28.48 -18.08
CA PRO D 47 -12.26 29.79 -17.57
C PRO D 47 -12.04 29.83 -16.05
N LEU D 48 -11.98 28.69 -15.39
CA LEU D 48 -11.78 28.67 -13.93
C LEU D 48 -10.36 29.03 -13.58
N ASN D 49 -10.19 29.74 -12.47
CA ASN D 49 -8.90 30.03 -11.89
C ASN D 49 -8.91 29.68 -10.39
N PHE D 50 -7.74 29.25 -9.89
CA PHE D 50 -7.59 28.69 -8.56
C PHE D 50 -6.45 29.37 -7.78
N THR D 51 -6.77 29.86 -6.58
CA THR D 51 -5.81 30.57 -5.72
C THR D 51 -5.65 29.81 -4.41
N ARG D 52 -4.41 29.61 -3.96
CA ARG D 52 -4.19 28.93 -2.70
C ARG D 52 -4.24 29.93 -1.54
N LEU D 53 -5.01 29.61 -0.49
CA LEU D 53 -4.98 30.35 0.76
C LEU D 53 -4.21 29.54 1.79
N HIS D 54 -3.43 30.24 2.60
CA HIS D 54 -2.61 29.60 3.62
C HIS D 54 -3.38 29.33 4.91
N ASP D 55 -4.43 30.09 5.18
CA ASP D 55 -5.24 29.90 6.37
C ASP D 55 -6.70 30.26 6.09
N GLY D 56 -7.60 29.95 7.03
CA GLY D 56 -8.98 30.41 6.96
C GLY D 56 -9.91 29.62 6.06
N ILE D 57 -10.98 30.29 5.61
CA ILE D 57 -12.09 29.67 4.88
C ILE D 57 -11.91 29.82 3.36
N ALA D 58 -11.68 28.70 2.70
CA ALA D 58 -11.57 28.66 1.26
C ALA D 58 -12.76 27.92 0.67
N ASP D 59 -12.95 28.05 -0.64
CA ASP D 59 -14.01 27.32 -1.35
C ASP D 59 -13.77 25.82 -1.30
N ILE D 60 -12.53 25.43 -1.53
CA ILE D 60 -12.15 24.04 -1.54
C ILE D 60 -11.13 23.76 -0.42
N MET D 61 -11.59 23.07 0.63
CA MET D 61 -10.73 22.73 1.77
C MET D 61 -10.19 21.33 1.58
N ILE D 62 -8.86 21.23 1.48
CA ILE D 62 -8.19 19.95 1.25
C ILE D 62 -7.53 19.43 2.54
N SER D 63 -7.81 18.18 2.89
CA SER D 63 -7.18 17.56 4.06
C SER D 63 -6.90 16.08 3.87
N PHE D 64 -5.99 15.59 4.71
CA PHE D 64 -5.64 14.19 4.83
C PHE D 64 -6.21 13.65 6.15
N GLY D 65 -6.82 12.48 6.10
CA GLY D 65 -7.40 11.84 7.29
C GLY D 65 -7.42 10.34 7.14
N ILE D 66 -7.70 9.64 8.23
CA ILE D 66 -7.85 8.19 8.22
C ILE D 66 -9.16 7.77 8.87
N LYS D 67 -9.65 6.60 8.46
CA LYS D 67 -10.84 5.99 9.04
C LYS D 67 -11.94 7.03 9.13
N GLU D 68 -12.62 7.14 10.27
CA GLU D 68 -13.65 8.16 10.46
C GLU D 68 -12.96 9.50 10.74
N HIS D 69 -13.17 10.48 9.89
CA HIS D 69 -12.41 11.71 9.94
C HIS D 69 -13.27 12.97 9.90
N GLY D 70 -14.56 12.83 10.11
CA GLY D 70 -15.44 13.97 10.39
C GLY D 70 -16.57 14.24 9.40
N ASP D 71 -16.89 13.27 8.54
CA ASP D 71 -18.04 13.41 7.64
C ASP D 71 -18.92 12.15 7.58
N PHE D 72 -18.65 11.18 8.44
CA PHE D 72 -19.40 9.92 8.45
C PHE D 72 -19.28 9.14 7.15
N TYR D 73 -18.28 9.47 6.33
CA TYR D 73 -17.88 8.67 5.20
C TYR D 73 -16.47 8.15 5.47
N PRO D 74 -16.35 7.15 6.35
CA PRO D 74 -15.02 6.77 6.80
C PRO D 74 -14.14 6.21 5.69
N PHE D 75 -12.84 6.46 5.77
CA PHE D 75 -11.87 5.72 5.00
C PHE D 75 -11.67 4.31 5.57
N ASP D 76 -10.93 3.47 4.84
CA ASP D 76 -10.91 2.03 5.03
C ASP D 76 -9.51 1.43 5.27
N GLY D 77 -8.53 2.27 5.63
CA GLY D 77 -7.16 1.79 5.84
C GLY D 77 -6.43 1.65 4.52
N PRO D 78 -5.24 1.01 4.51
CA PRO D 78 -4.46 0.97 3.27
C PRO D 78 -5.19 0.23 2.17
N SER D 79 -5.03 0.67 0.92
CA SER D 79 -5.72 0.08 -0.23
C SER D 79 -7.21 0.48 -0.28
N GLY D 80 -7.95 -0.14 -1.19
CA GLY D 80 -9.35 0.20 -1.40
C GLY D 80 -9.53 1.66 -1.75
N LEU D 81 -10.48 2.30 -1.06
CA LEU D 81 -10.85 3.69 -1.28
C LEU D 81 -9.67 4.62 -0.97
N LEU D 82 -9.43 5.57 -1.87
CA LEU D 82 -8.23 6.42 -1.81
C LEU D 82 -8.51 7.84 -1.34
N ALA D 83 -9.68 8.34 -1.70
CA ALA D 83 -10.02 9.75 -1.53
C ALA D 83 -11.49 9.93 -1.84
N HIS D 84 -12.04 11.09 -1.45
CA HIS D 84 -13.35 11.47 -1.91
C HIS D 84 -13.51 12.99 -1.86
N ALA D 85 -14.56 13.49 -2.50
CA ALA D 85 -14.83 14.92 -2.55
C ALA D 85 -16.31 15.21 -2.68
N PHE D 86 -16.67 16.45 -2.36
CA PHE D 86 -18.05 16.87 -2.27
C PHE D 86 -18.32 17.86 -3.40
N PRO D 87 -19.52 17.80 -3.99
CA PRO D 87 -19.85 18.71 -5.10
C PRO D 87 -19.97 20.15 -4.63
N PRO D 88 -20.04 21.10 -5.56
CA PRO D 88 -20.11 22.52 -5.19
C PRO D 88 -21.29 22.81 -4.28
N GLY D 89 -21.06 23.75 -3.38
CA GLY D 89 -22.08 24.19 -2.46
C GLY D 89 -21.40 25.00 -1.38
N PRO D 90 -22.19 25.59 -0.49
CA PRO D 90 -21.60 26.23 0.69
C PRO D 90 -21.13 25.20 1.71
N ASN D 91 -20.53 25.71 2.78
CA ASN D 91 -20.11 24.90 3.92
C ASN D 91 -19.06 23.83 3.54
N TYR D 92 -19.49 22.57 3.35
CA TYR D 92 -18.58 21.47 3.01
C TYR D 92 -18.33 21.33 1.50
N GLY D 93 -19.15 22.01 0.69
CA GLY D 93 -19.12 21.88 -0.75
C GLY D 93 -17.75 22.15 -1.33
N GLY D 94 -17.31 21.25 -2.22
CA GLY D 94 -16.01 21.36 -2.84
C GLY D 94 -14.85 20.70 -2.11
N ASP D 95 -15.03 20.34 -0.84
CA ASP D 95 -13.93 19.81 -0.06
C ASP D 95 -13.45 18.46 -0.58
N ALA D 96 -12.16 18.20 -0.40
CA ALA D 96 -11.54 16.98 -0.89
C ALA D 96 -10.67 16.37 0.23
N HIS D 97 -10.92 15.09 0.51
CA HIS D 97 -10.26 14.38 1.62
C HIS D 97 -9.46 13.22 1.03
N PHE D 98 -8.23 13.05 1.48
CA PHE D 98 -7.38 11.98 1.00
C PHE D 98 -7.02 11.04 2.14
N ASP D 99 -7.05 9.74 1.87
CA ASP D 99 -6.84 8.71 2.90
C ASP D 99 -5.36 8.62 3.23
N ASP D 100 -4.98 9.04 4.45
CA ASP D 100 -3.55 9.05 4.80
C ASP D 100 -3.04 7.70 5.30
N ASP D 101 -3.86 6.66 5.16
CA ASP D 101 -3.38 5.30 5.25
C ASP D 101 -2.81 4.77 3.94
N GLU D 102 -2.85 5.55 2.86
CA GLU D 102 -2.19 5.16 1.62
C GLU D 102 -0.76 5.69 1.60
N THR D 103 0.08 5.07 0.77
CA THR D 103 1.40 5.65 0.48
C THR D 103 1.27 6.59 -0.74
N TRP D 104 1.33 7.90 -0.50
CA TRP D 104 1.25 8.93 -1.55
C TRP D 104 2.63 9.24 -2.14
N THR D 105 2.70 9.38 -3.46
CA THR D 105 3.95 9.62 -4.16
C THR D 105 3.78 10.58 -5.31
N SER D 106 4.92 10.99 -5.88
CA SER D 106 4.92 11.72 -7.11
C SER D 106 5.49 10.87 -8.25
N SER D 107 5.39 9.55 -8.13
CA SER D 107 5.97 8.62 -9.10
C SER D 107 4.93 7.56 -9.52
N SER D 108 5.40 6.46 -10.10
CA SER D 108 4.55 5.30 -10.39
C SER D 108 4.41 4.34 -9.19
N LYS D 109 5.08 4.65 -8.10
CA LYS D 109 5.02 3.84 -6.89
C LYS D 109 3.89 4.37 -6.02
N GLY D 110 3.39 3.53 -5.12
CA GLY D 110 2.25 3.91 -4.27
C GLY D 110 1.08 4.39 -5.10
N TYR D 111 0.38 5.41 -4.60
CA TYR D 111 -0.66 6.07 -5.36
C TYR D 111 -0.20 7.49 -5.63
N ASN D 112 -0.38 7.91 -6.89
CA ASN D 112 0.08 9.22 -7.33
C ASN D 112 -0.91 10.27 -6.85
N LEU D 113 -0.47 11.17 -5.97
CA LEU D 113 -1.36 12.19 -5.40
C LEU D 113 -1.96 13.10 -6.48
N PHE D 114 -1.14 13.55 -7.42
CA PHE D 114 -1.60 14.38 -8.52
C PHE D 114 -2.80 13.78 -9.23
N LEU D 115 -2.68 12.52 -9.67
CA LEU D 115 -3.75 11.88 -10.43
C LEU D 115 -5.02 11.73 -9.60
N VAL D 116 -4.89 11.29 -8.36
CA VAL D 116 -6.07 11.14 -7.48
C VAL D 116 -6.76 12.48 -7.25
N ALA D 117 -5.98 13.52 -6.98
CA ALA D 117 -6.49 14.87 -6.79
C ALA D 117 -7.19 15.42 -8.04
N ALA D 118 -6.64 15.14 -9.21
CA ALA D 118 -7.23 15.61 -10.46
C ALA D 118 -8.64 15.00 -10.59
N HIS D 119 -8.75 13.72 -10.28
CA HIS D 119 -10.05 13.06 -10.22
C HIS D 119 -10.98 13.72 -9.20
N GLU D 120 -10.54 13.86 -7.95
CA GLU D 120 -11.39 14.42 -6.88
C GLU D 120 -11.86 15.84 -7.18
N PHE D 121 -10.97 16.65 -7.75
CA PHE D 121 -11.33 18.02 -8.06
C PHE D 121 -12.40 18.08 -9.15
N GLY D 122 -12.48 17.05 -9.98
CA GLY D 122 -13.59 16.92 -10.88
C GLY D 122 -14.89 16.93 -10.11
N HIS D 123 -14.95 16.15 -9.04
CA HIS D 123 -16.11 16.14 -8.16
C HIS D 123 -16.33 17.52 -7.54
N SER D 124 -15.26 18.12 -7.01
CA SER D 124 -15.35 19.45 -6.41
C SER D 124 -15.94 20.50 -7.33
N LEU D 125 -15.81 20.31 -8.65
CA LEU D 125 -16.29 21.28 -9.63
C LEU D 125 -17.65 20.94 -10.20
N GLY D 126 -18.18 19.77 -9.86
CA GLY D 126 -19.56 19.41 -10.26
C GLY D 126 -19.72 18.16 -11.12
N LEU D 127 -18.63 17.43 -11.37
CA LEU D 127 -18.72 16.19 -12.18
C LEU D 127 -18.94 14.97 -11.30
N ASP D 128 -19.82 14.08 -11.74
CA ASP D 128 -20.03 12.78 -11.12
C ASP D 128 -19.14 11.78 -11.87
N HIS D 129 -19.29 10.49 -11.57
CA HIS D 129 -18.49 9.48 -12.23
C HIS D 129 -18.92 9.23 -13.67
N SER D 130 -17.93 8.95 -14.50
CA SER D 130 -18.15 8.63 -15.89
C SER D 130 -18.21 7.11 -16.06
N LYS D 131 -19.00 6.68 -17.04
CA LYS D 131 -19.06 5.27 -17.41
C LYS D 131 -18.03 4.88 -18.46
N ASP D 132 -17.27 5.86 -18.94
CA ASP D 132 -16.21 5.63 -19.94
C ASP D 132 -14.94 5.15 -19.24
N PRO D 133 -14.51 3.90 -19.51
CA PRO D 133 -13.30 3.41 -18.81
C PRO D 133 -12.00 4.20 -19.10
N GLY D 134 -11.96 4.97 -20.18
CA GLY D 134 -10.81 5.83 -20.48
C GLY D 134 -10.88 7.21 -19.87
N ALA D 135 -11.94 7.49 -19.11
CA ALA D 135 -12.14 8.82 -18.49
C ALA D 135 -11.37 8.98 -17.19
N LEU D 136 -10.96 10.21 -16.90
CA LEU D 136 -10.37 10.58 -15.61
C LEU D 136 -11.42 10.43 -14.51
N MET D 137 -12.69 10.70 -14.83
CA MET D 137 -13.79 10.54 -13.87
C MET D 137 -14.35 9.11 -13.76
N PHE D 138 -13.67 8.13 -14.35
CA PHE D 138 -14.03 6.73 -14.11
C PHE D 138 -13.75 6.40 -12.63
N PRO D 139 -14.57 5.55 -11.98
CA PRO D 139 -14.42 5.39 -10.53
C PRO D 139 -13.21 4.56 -10.07
N ILE D 140 -12.50 3.92 -10.99
CA ILE D 140 -11.37 3.06 -10.65
C ILE D 140 -10.03 3.75 -11.01
N TYR D 141 -9.14 3.85 -10.04
CA TYR D 141 -7.79 4.40 -10.23
C TYR D 141 -7.02 3.56 -11.25
N THR D 142 -6.47 4.24 -12.25
CA THR D 142 -5.53 3.64 -13.18
C THR D 142 -4.40 4.63 -13.46
N TYR D 143 -3.18 4.28 -13.06
CA TYR D 143 -2.02 5.13 -13.28
C TYR D 143 -1.72 5.33 -14.77
N THR D 144 -1.44 6.58 -15.16
CA THR D 144 -0.89 6.85 -16.50
C THR D 144 0.55 7.38 -16.40
N GLY D 145 1.38 6.94 -17.34
CA GLY D 145 2.80 7.26 -17.40
C GLY D 145 3.16 8.74 -17.50
N LYS D 146 4.46 9.00 -17.39
CA LYS D 146 5.01 10.25 -16.82
C LYS D 146 4.42 11.63 -17.22
N SER D 147 5.29 12.49 -17.75
CA SER D 147 5.14 13.95 -17.64
C SER D 147 3.81 14.52 -18.12
N HIS D 148 3.60 14.48 -19.43
CA HIS D 148 2.41 15.04 -20.05
C HIS D 148 1.17 14.22 -19.68
N PHE D 149 0.13 14.91 -19.22
CA PHE D 149 -1.20 14.31 -19.02
C PHE D 149 -2.19 15.05 -19.91
N MET D 150 -3.08 14.30 -20.55
CA MET D 150 -4.14 14.89 -21.38
C MET D 150 -5.49 14.52 -20.78
N LEU D 151 -6.32 15.52 -20.51
CA LEU D 151 -7.66 15.26 -20.01
C LEU D 151 -8.44 14.58 -21.13
N PRO D 152 -8.92 13.34 -20.89
CA PRO D 152 -9.66 12.64 -21.95
C PRO D 152 -10.91 13.41 -22.35
N ASP D 153 -11.34 13.21 -23.58
CA ASP D 153 -12.40 14.04 -24.13
C ASP D 153 -13.74 13.92 -23.38
N ASP D 154 -14.01 12.74 -22.80
CA ASP D 154 -15.23 12.57 -22.02
C ASP D 154 -15.31 13.61 -20.91
N ASP D 155 -14.19 13.81 -20.22
CA ASP D 155 -14.10 14.75 -19.11
C ASP D 155 -14.15 16.21 -19.61
N VAL D 156 -13.50 16.46 -20.74
CA VAL D 156 -13.48 17.77 -21.37
C VAL D 156 -14.90 18.21 -21.67
N GLN D 157 -15.67 17.37 -22.34
CA GLN D 157 -17.07 17.67 -22.65
C GLN D 157 -17.90 17.91 -21.38
N GLY D 158 -17.72 17.05 -20.39
CA GLY D 158 -18.41 17.19 -19.12
C GLY D 158 -18.17 18.54 -18.47
N ILE D 159 -16.90 18.89 -18.24
CA ILE D 159 -16.58 20.11 -17.51
C ILE D 159 -16.91 21.35 -18.35
N GLN D 160 -16.77 21.24 -19.67
CA GLN D 160 -17.08 22.37 -20.53
C GLN D 160 -18.59 22.62 -20.66
N SER D 161 -19.42 21.60 -20.47
CA SER D 161 -20.88 21.79 -20.43
C SER D 161 -21.31 22.54 -19.16
N LEU D 162 -20.47 22.55 -18.12
CA LEU D 162 -20.72 23.32 -16.91
C LEU D 162 -20.18 24.75 -17.01
N TYR D 163 -18.94 24.89 -17.47
CA TYR D 163 -18.22 26.16 -17.38
C TYR D 163 -17.83 26.84 -18.69
N GLY D 164 -18.09 26.22 -19.84
CA GLY D 164 -17.77 26.81 -21.15
C GLY D 164 -16.39 26.40 -21.67
#